data_7O82
#
_entry.id   7O82
#
_cell.length_a   104.708
_cell.length_b   175.592
_cell.length_c   73.275
_cell.angle_alpha   90.000
_cell.angle_beta   90.000
_cell.angle_gamma   90.000
#
_symmetry.space_group_name_H-M   'P 21 21 2'
#
loop_
_entity.id
_entity.type
_entity.pdbx_description
1 polymer 'Arginine/agmatine antiporter'
2 non-polymer 'nonyl beta-D-glucopyranoside'
3 non-polymer 2-AMINO-2-HYDROXYMETHYL-PROPANE-1,3-DIOL
4 non-polymer HEXANE
5 non-polymer DECANE
6 non-polymer N-OCTANE
7 water water
#
_entity_poly.entity_id   1
_entity_poly.type   'polypeptide(L)'
_entity_poly.pdbx_seq_one_letter_code
;MSSDADAHKVGLIPVTLMVSGNIMGSGVFLLPANLASTGGIAIYGWLVTIIGALGLSMVYAKMSFLDPSPGGSYAYARRC
FGPFLGYQTNVLYWLACWIGNIAMVVIGVGYLSYFFPILKDPLVLTITCVVVLWIFVLLNIVGPKMITRVQAVATVLALI
PIVGIAVFGWFWFRGETYMAAWNVSGLGTFGAIQSTLNVTLWSFIGVESASVAAGVVKNPKRNVPIATIGGVLIAAVCYV
LSTTAIMGMIPNAALRVSASPFGDAARMALGDTAGAIVSFCAAAGCLGSLGGWTLLAGQTAKAAADDGLFPPIFARVNKA
GTPVAGLIIVGILMTIFQLSSISPNATKEFGLVSSVSVIFTLVPYLYTCAALLLLGHGHFGKARPAYLAVTTIAFLYCIW
AVVGSGAKEVMWSFVTLMVITAMYALNYNRLHKNPYPLDAPISKDLELEVLFQ
;
_entity_poly.pdbx_strand_id   A,B
#
loop_
_chem_comp.id
_chem_comp.type
_chem_comp.name
_chem_comp.formula
BNG D-saccharide 'nonyl beta-D-glucopyranoside' 'C15 H30 O6'
D10 non-polymer DECANE 'C10 H22'
HEX non-polymer HEXANE 'C6 H14'
OCT non-polymer N-OCTANE 'C8 H18'
TRS non-polymer 2-AMINO-2-HYDROXYMETHYL-PROPANE-1,3-DIOL 'C4 H12 N O3 1'
#
# COMPACT_ATOMS: atom_id res chain seq x y z
N ALA A 5 -11.06 -38.48 -8.42
CA ALA A 5 -10.49 -37.15 -8.64
C ALA A 5 -9.95 -37.00 -10.07
N ASP A 6 -9.18 -38.01 -10.51
CA ASP A 6 -8.49 -37.96 -11.80
C ASP A 6 -9.43 -37.67 -12.94
N ALA A 7 -10.68 -38.10 -12.85
CA ALA A 7 -11.63 -37.94 -13.95
C ALA A 7 -12.04 -36.49 -14.19
N HIS A 8 -11.83 -35.59 -13.23
CA HIS A 8 -12.28 -34.22 -13.42
C HIS A 8 -11.13 -33.27 -13.69
N LYS A 9 -9.96 -33.81 -14.06
CA LYS A 9 -8.77 -32.97 -14.27
C LYS A 9 -8.64 -32.54 -15.74
N VAL A 10 -8.00 -31.38 -15.93
CA VAL A 10 -7.86 -30.73 -17.22
C VAL A 10 -6.47 -31.03 -17.79
N GLY A 11 -6.38 -31.31 -19.10
CA GLY A 11 -5.12 -31.71 -19.70
C GLY A 11 -4.25 -30.48 -20.06
N LEU A 12 -3.05 -30.77 -20.54
CA LEU A 12 -2.04 -29.72 -20.75
C LEU A 12 -2.53 -28.66 -21.74
N ILE A 13 -3.11 -29.08 -22.88
CA ILE A 13 -3.41 -28.11 -23.94
C ILE A 13 -4.44 -27.10 -23.49
N PRO A 14 -5.59 -27.50 -22.95
CA PRO A 14 -6.56 -26.52 -22.47
C PRO A 14 -6.03 -25.67 -21.36
N VAL A 15 -5.18 -26.18 -20.46
CA VAL A 15 -4.64 -25.30 -19.42
C VAL A 15 -3.70 -24.25 -20.01
N THR A 16 -2.89 -24.64 -21.01
CA THR A 16 -2.01 -23.65 -21.65
C THR A 16 -2.81 -22.57 -22.36
N LEU A 17 -3.88 -22.98 -23.07
CA LEU A 17 -4.73 -22.03 -23.73
C LEU A 17 -5.49 -21.16 -22.72
N MET A 18 -5.78 -21.68 -21.53
CA MET A 18 -6.37 -20.80 -20.52
C MET A 18 -5.37 -19.76 -20.04
N VAL A 19 -4.11 -20.13 -19.84
CA VAL A 19 -3.11 -19.15 -19.47
C VAL A 19 -3.03 -18.07 -20.54
N SER A 20 -2.86 -18.50 -21.80
CA SER A 20 -2.64 -17.50 -22.83
C SER A 20 -3.90 -16.69 -23.09
N GLY A 21 -5.07 -17.32 -23.00
CA GLY A 21 -6.30 -16.58 -23.20
C GLY A 21 -6.62 -15.65 -22.04
N ASN A 22 -6.35 -16.06 -20.78
CA ASN A 22 -6.56 -15.14 -19.66
C ASN A 22 -5.62 -13.93 -19.77
N ILE A 23 -4.39 -14.16 -20.24
CA ILE A 23 -3.44 -13.07 -20.45
C ILE A 23 -3.91 -12.13 -21.57
N MET A 24 -4.25 -12.67 -22.73
CA MET A 24 -4.44 -11.86 -23.92
C MET A 24 -5.84 -11.30 -24.03
N GLY A 25 -6.84 -12.06 -23.68
CA GLY A 25 -8.17 -11.51 -23.37
C GLY A 25 -8.67 -10.38 -24.22
N SER A 26 -9.11 -9.32 -23.57
CA SER A 26 -9.58 -8.09 -24.23
C SER A 26 -8.44 -7.23 -24.73
N GLY A 27 -7.37 -7.17 -23.98
CA GLY A 27 -6.29 -6.24 -24.30
C GLY A 27 -5.61 -6.46 -25.63
N VAL A 28 -5.49 -7.68 -26.11
CA VAL A 28 -4.61 -7.89 -27.25
C VAL A 28 -5.07 -7.08 -28.45
N PHE A 29 -6.39 -6.94 -28.65
CA PHE A 29 -6.89 -6.24 -29.83
C PHE A 29 -6.80 -4.73 -29.73
N LEU A 30 -6.54 -4.22 -28.53
CA LEU A 30 -6.48 -2.80 -28.25
C LEU A 30 -5.06 -2.29 -28.13
N LEU A 31 -4.10 -3.17 -27.88
CA LEU A 31 -2.70 -2.78 -27.70
C LEU A 31 -2.21 -1.81 -28.75
N PRO A 32 -2.33 -2.09 -30.05
CA PRO A 32 -1.76 -1.17 -31.05
C PRO A 32 -2.28 0.24 -30.91
N ALA A 33 -3.58 0.41 -30.62
CA ALA A 33 -4.11 1.74 -30.42
C ALA A 33 -3.47 2.41 -29.20
N ASN A 34 -3.33 1.67 -28.11
CA ASN A 34 -2.76 2.24 -26.88
C ASN A 34 -1.31 2.66 -27.09
N LEU A 35 -0.53 1.84 -27.80
CA LEU A 35 0.89 2.16 -28.00
C LEU A 35 1.14 3.14 -29.13
N ALA A 36 0.12 3.45 -29.94
CA ALA A 36 0.30 4.40 -31.04
C ALA A 36 0.65 5.80 -30.54
N SER A 37 0.19 6.18 -29.35
CA SER A 37 0.54 7.50 -28.84
C SER A 37 2.01 7.58 -28.42
N THR A 38 2.71 6.46 -28.33
CA THR A 38 4.16 6.46 -28.12
C THR A 38 4.93 6.24 -29.41
N GLY A 39 4.58 5.21 -30.17
CA GLY A 39 5.23 5.00 -31.45
C GLY A 39 6.02 3.71 -31.47
N GLY A 40 6.81 3.53 -32.53
CA GLY A 40 7.52 2.28 -32.73
C GLY A 40 8.56 2.00 -31.67
N ILE A 41 9.08 3.05 -31.03
CA ILE A 41 9.98 2.87 -29.89
C ILE A 41 9.36 1.95 -28.84
N ALA A 42 8.06 1.66 -28.90
CA ALA A 42 7.46 0.70 -27.99
C ALA A 42 8.18 -0.65 -28.01
N ILE A 43 8.87 -0.98 -29.11
CA ILE A 43 9.58 -2.27 -29.14
C ILE A 43 10.53 -2.37 -27.95
N TYR A 44 11.15 -1.24 -27.55
CA TYR A 44 12.03 -1.27 -26.36
C TYR A 44 11.24 -1.65 -25.12
N GLY A 45 10.11 -0.96 -24.89
CA GLY A 45 9.22 -1.36 -23.83
C GLY A 45 8.89 -2.83 -23.89
N TRP A 46 8.63 -3.36 -25.10
CA TRP A 46 8.23 -4.76 -25.16
C TRP A 46 9.36 -5.65 -24.67
N LEU A 47 10.59 -5.32 -25.06
CA LEU A 47 11.74 -6.12 -24.65
C LEU A 47 11.83 -6.16 -23.14
N VAL A 48 11.69 -5.00 -22.49
CA VAL A 48 11.81 -4.97 -21.04
C VAL A 48 10.67 -5.78 -20.45
N THR A 49 9.46 -5.59 -21.01
CA THR A 49 8.30 -6.26 -20.46
C THR A 49 8.46 -7.76 -20.58
N ILE A 50 8.96 -8.23 -21.73
CA ILE A 50 8.93 -9.67 -21.92
C ILE A 50 9.98 -10.30 -21.05
N ILE A 51 11.06 -9.58 -20.77
CA ILE A 51 12.05 -10.16 -19.88
C ILE A 51 11.46 -10.27 -18.47
N GLY A 52 10.76 -9.23 -18.04
CA GLY A 52 10.17 -9.25 -16.70
C GLY A 52 9.09 -10.30 -16.58
N ALA A 53 8.22 -10.38 -17.61
CA ALA A 53 7.12 -11.33 -17.57
C ALA A 53 7.61 -12.77 -17.64
N LEU A 54 8.58 -13.05 -18.52
CA LEU A 54 9.16 -14.38 -18.52
C LEU A 54 9.72 -14.70 -17.15
N GLY A 55 10.43 -13.73 -16.56
CA GLY A 55 10.97 -13.97 -15.23
C GLY A 55 9.88 -14.38 -14.27
N LEU A 56 8.77 -13.64 -14.30
CA LEU A 56 7.67 -13.97 -13.39
C LEU A 56 7.05 -15.32 -13.73
N SER A 57 6.93 -15.64 -15.03
CA SER A 57 6.42 -16.98 -15.37
C SER A 57 7.34 -18.08 -14.85
N MET A 58 8.67 -17.86 -14.89
CA MET A 58 9.58 -18.87 -14.42
C MET A 58 9.42 -19.05 -12.92
N VAL A 59 9.20 -17.94 -12.20
CA VAL A 59 8.97 -18.05 -10.77
C VAL A 59 7.75 -18.90 -10.53
N TYR A 60 6.64 -18.59 -11.22
CA TYR A 60 5.44 -19.39 -11.01
C TYR A 60 5.68 -20.83 -11.45
N ALA A 61 6.44 -21.03 -12.53
CA ALA A 61 6.66 -22.40 -12.99
C ALA A 61 7.43 -23.20 -11.95
N LYS A 62 8.46 -22.57 -11.37
CA LYS A 62 9.25 -23.32 -10.42
C LYS A 62 8.48 -23.51 -9.12
N MET A 63 7.72 -22.49 -8.73
CA MET A 63 7.07 -22.60 -7.43
C MET A 63 6.01 -23.69 -7.53
N SER A 64 5.25 -23.69 -8.64
CA SER A 64 4.24 -24.71 -8.85
C SER A 64 4.86 -26.10 -9.02
N PHE A 65 6.09 -26.20 -9.54
CA PHE A 65 6.74 -27.49 -9.64
C PHE A 65 7.07 -28.00 -8.25
N LEU A 66 7.51 -27.09 -7.37
CA LEU A 66 7.89 -27.48 -6.02
C LEU A 66 6.67 -27.73 -5.16
N ASP A 67 5.53 -27.10 -5.50
CA ASP A 67 4.34 -27.15 -4.65
C ASP A 67 3.11 -26.92 -5.52
N PRO A 68 2.55 -27.98 -6.05
CA PRO A 68 1.38 -27.77 -6.93
C PRO A 68 0.07 -27.64 -6.13
N SER A 69 0.04 -26.70 -5.22
CA SER A 69 -1.09 -26.63 -4.30
C SER A 69 -2.26 -25.90 -4.94
N PRO A 70 -3.49 -26.32 -4.66
CA PRO A 70 -4.65 -25.55 -5.09
C PRO A 70 -4.55 -24.10 -4.61
N GLY A 71 -4.95 -23.15 -5.47
CA GLY A 71 -4.93 -21.77 -5.10
C GLY A 71 -3.67 -21.01 -5.45
N GLY A 72 -2.59 -21.68 -5.86
CA GLY A 72 -1.45 -20.94 -6.37
C GLY A 72 -0.87 -19.99 -5.33
N SER A 73 -0.79 -18.72 -5.69
CA SER A 73 -0.24 -17.63 -4.86
C SER A 73 -0.72 -17.74 -3.42
N TYR A 74 -2.00 -17.90 -3.22
CA TYR A 74 -2.57 -18.06 -1.88
C TYR A 74 -1.82 -19.12 -1.05
N ALA A 75 -1.67 -20.32 -1.60
CA ALA A 75 -1.05 -21.43 -0.91
C ALA A 75 0.41 -21.10 -0.62
N TYR A 76 1.09 -20.44 -1.56
CA TYR A 76 2.51 -20.18 -1.34
C TYR A 76 2.67 -19.14 -0.26
N ALA A 77 1.80 -18.14 -0.28
CA ALA A 77 1.95 -17.07 0.71
C ALA A 77 1.69 -17.65 2.09
N ARG A 78 0.69 -18.55 2.16
CA ARG A 78 0.36 -19.13 3.46
C ARG A 78 1.52 -19.97 3.94
N ARG A 79 2.18 -20.68 3.00
CA ARG A 79 3.27 -21.55 3.43
C ARG A 79 4.40 -20.75 4.02
N CYS A 80 4.69 -19.58 3.43
CA CYS A 80 5.97 -18.97 3.80
C CYS A 80 5.78 -17.84 4.81
N PHE A 81 4.59 -17.24 4.85
CA PHE A 81 4.33 -16.13 5.76
C PHE A 81 3.24 -16.43 6.78
N GLY A 82 2.41 -17.45 6.55
CA GLY A 82 1.44 -17.87 7.53
C GLY A 82 0.03 -17.47 7.17
N PRO A 83 -0.93 -17.82 8.02
CA PRO A 83 -2.34 -17.66 7.65
C PRO A 83 -2.74 -16.23 7.35
N PHE A 84 -2.19 -15.24 8.05
CA PHE A 84 -2.64 -13.86 7.81
C PHE A 84 -2.35 -13.43 6.37
N LEU A 85 -1.11 -13.65 5.90
CA LEU A 85 -0.80 -13.27 4.52
C LEU A 85 -1.47 -14.20 3.50
N GLY A 86 -1.73 -15.47 3.84
CA GLY A 86 -2.58 -16.27 2.96
C GLY A 86 -3.97 -15.68 2.82
N TYR A 87 -4.59 -15.31 3.95
CA TYR A 87 -5.89 -14.65 3.96
C TYR A 87 -5.88 -13.41 3.08
N GLN A 88 -4.89 -12.54 3.29
CA GLN A 88 -4.74 -11.31 2.51
C GLN A 88 -4.64 -11.61 1.01
N THR A 89 -3.78 -12.56 0.65
CA THR A 89 -3.56 -12.93 -0.75
C THR A 89 -4.86 -13.40 -1.41
N ASN A 90 -5.61 -14.27 -0.73
CA ASN A 90 -6.86 -14.73 -1.32
C ASN A 90 -7.86 -13.62 -1.46
N VAL A 91 -8.08 -12.80 -0.42
CA VAL A 91 -9.06 -11.72 -0.55
C VAL A 91 -8.73 -10.84 -1.77
N LEU A 92 -7.47 -10.40 -1.88
CA LEU A 92 -7.07 -9.53 -2.97
C LEU A 92 -7.30 -10.20 -4.33
N TYR A 93 -6.85 -11.44 -4.45
CA TYR A 93 -6.87 -12.12 -5.75
C TYR A 93 -8.30 -12.47 -6.17
N TRP A 94 -9.09 -12.96 -5.25
CA TRP A 94 -10.50 -13.25 -5.51
C TRP A 94 -11.24 -12.01 -6.00
N LEU A 95 -11.07 -10.89 -5.28
CA LEU A 95 -11.64 -9.63 -5.73
C LEU A 95 -11.18 -9.29 -7.14
N ALA A 96 -9.87 -9.36 -7.39
CA ALA A 96 -9.35 -9.02 -8.71
C ALA A 96 -10.02 -9.86 -9.81
N CYS A 97 -10.17 -11.17 -9.58
CA CYS A 97 -10.77 -12.07 -10.56
C CYS A 97 -12.18 -11.63 -10.92
N TRP A 98 -13.05 -11.53 -9.92
CA TRP A 98 -14.42 -11.28 -10.35
C TRP A 98 -14.71 -9.83 -10.70
N ILE A 99 -14.04 -8.85 -10.06
CA ILE A 99 -14.25 -7.48 -10.48
C ILE A 99 -13.75 -7.26 -11.90
N GLY A 100 -12.62 -7.90 -12.27
CA GLY A 100 -12.12 -7.72 -13.63
C GLY A 100 -13.03 -8.28 -14.69
N ASN A 101 -13.86 -9.26 -14.32
CA ASN A 101 -14.82 -9.77 -15.31
C ASN A 101 -15.82 -8.75 -15.81
N ILE A 102 -16.17 -7.70 -15.02
CA ILE A 102 -17.14 -6.71 -15.49
C ILE A 102 -16.63 -6.00 -16.74
N ALA A 103 -15.43 -5.48 -16.62
CA ALA A 103 -14.82 -4.74 -17.75
C ALA A 103 -14.71 -5.69 -18.93
N MET A 104 -14.36 -6.94 -18.69
CA MET A 104 -14.26 -7.85 -19.78
CA MET A 104 -14.23 -7.99 -19.74
C MET A 104 -15.40 -8.40 -20.70
N VAL A 105 -16.47 -8.44 -19.93
CA VAL A 105 -17.78 -8.77 -20.55
C VAL A 105 -18.26 -7.52 -21.28
N VAL A 106 -18.04 -6.35 -20.71
CA VAL A 106 -18.48 -5.16 -21.45
C VAL A 106 -17.72 -5.06 -22.78
N ILE A 107 -16.41 -5.32 -22.76
CA ILE A 107 -15.61 -5.26 -23.99
C ILE A 107 -16.06 -6.33 -24.99
N GLY A 108 -16.22 -7.58 -24.51
CA GLY A 108 -16.61 -8.66 -25.42
C GLY A 108 -17.97 -8.45 -26.06
N VAL A 109 -18.97 -8.07 -25.24
CA VAL A 109 -20.26 -7.75 -25.83
C VAL A 109 -20.14 -6.55 -26.77
N GLY A 110 -19.29 -5.56 -26.42
CA GLY A 110 -19.05 -4.45 -27.32
C GLY A 110 -18.60 -4.91 -28.70
N TYR A 111 -17.71 -5.91 -28.73
CA TYR A 111 -17.29 -6.42 -30.03
C TYR A 111 -18.47 -7.00 -30.77
N LEU A 112 -19.36 -7.68 -30.04
CA LEU A 112 -20.55 -8.24 -30.69
C LEU A 112 -21.48 -7.18 -31.25
N SER A 113 -21.39 -5.96 -30.74
CA SER A 113 -22.22 -4.87 -31.27
C SER A 113 -21.93 -4.58 -32.74
N TYR A 114 -20.81 -5.08 -33.28
CA TYR A 114 -20.56 -5.01 -34.72
C TYR A 114 -21.67 -5.69 -35.51
N PHE A 115 -22.20 -6.81 -34.99
CA PHE A 115 -23.30 -7.50 -35.65
C PHE A 115 -24.65 -6.98 -35.18
N PHE A 116 -24.79 -6.67 -33.90
CA PHE A 116 -26.08 -6.27 -33.33
C PHE A 116 -25.91 -4.89 -32.68
N PRO A 117 -26.04 -3.81 -33.44
CA PRO A 117 -25.77 -2.48 -32.87
C PRO A 117 -26.68 -2.10 -31.72
N ILE A 118 -27.83 -2.79 -31.56
CA ILE A 118 -28.65 -2.61 -30.36
C ILE A 118 -27.84 -2.83 -29.09
N LEU A 119 -26.78 -3.66 -29.15
CA LEU A 119 -25.92 -3.87 -27.99
C LEU A 119 -25.15 -2.63 -27.57
N LYS A 120 -25.29 -1.49 -28.26
CA LYS A 120 -24.61 -0.29 -27.81
C LYS A 120 -25.46 0.59 -26.89
N ASP A 121 -26.76 0.34 -26.79
CA ASP A 121 -27.59 1.01 -25.77
C ASP A 121 -27.24 0.52 -24.36
N PRO A 122 -27.00 1.42 -23.40
CA PRO A 122 -26.56 0.98 -22.06
C PRO A 122 -27.48 -0.05 -21.40
N LEU A 123 -28.81 0.09 -21.54
CA LEU A 123 -29.71 -0.84 -20.87
C LEU A 123 -29.59 -2.24 -21.47
N VAL A 124 -29.64 -2.34 -22.80
CA VAL A 124 -29.52 -3.65 -23.44
C VAL A 124 -28.13 -4.24 -23.18
N LEU A 125 -27.09 -3.40 -23.21
CA LEU A 125 -25.76 -3.87 -22.90
C LEU A 125 -25.71 -4.50 -21.50
N THR A 126 -26.31 -3.83 -20.52
CA THR A 126 -26.27 -4.31 -19.15
C THR A 126 -27.01 -5.64 -19.02
N ILE A 127 -28.21 -5.70 -19.60
CA ILE A 127 -28.94 -6.97 -19.52
C ILE A 127 -28.14 -8.09 -20.18
N THR A 128 -27.58 -7.81 -21.35
CA THR A 128 -26.83 -8.85 -22.09
C THR A 128 -25.61 -9.29 -21.30
N CYS A 129 -24.89 -8.34 -20.70
CA CYS A 129 -23.70 -8.68 -19.92
C CYS A 129 -24.06 -9.55 -18.73
N VAL A 130 -25.15 -9.24 -18.04
CA VAL A 130 -25.57 -10.11 -16.93
C VAL A 130 -25.86 -11.52 -17.43
N VAL A 131 -26.58 -11.62 -18.55
CA VAL A 131 -26.86 -12.95 -19.10
C VAL A 131 -25.56 -13.68 -19.39
N VAL A 132 -24.61 -13.02 -20.04
CA VAL A 132 -23.38 -13.71 -20.45
C VAL A 132 -22.57 -14.13 -19.23
N LEU A 133 -22.48 -13.26 -18.22
CA LEU A 133 -21.80 -13.61 -16.99
C LEU A 133 -22.37 -14.89 -16.40
N TRP A 134 -23.71 -14.99 -16.33
CA TRP A 134 -24.31 -16.21 -15.80
C TRP A 134 -24.05 -17.41 -16.70
N ILE A 135 -24.02 -17.22 -18.02
CA ILE A 135 -23.66 -18.34 -18.89
C ILE A 135 -22.31 -18.91 -18.47
N PHE A 136 -21.34 -18.03 -18.19
CA PHE A 136 -20.00 -18.56 -17.88
C PHE A 136 -19.88 -19.06 -16.44
N VAL A 137 -20.66 -18.51 -15.51
CA VAL A 137 -20.80 -19.16 -14.20
C VAL A 137 -21.38 -20.58 -14.37
N LEU A 138 -22.44 -20.73 -15.15
CA LEU A 138 -23.08 -22.03 -15.33
C LEU A 138 -22.14 -23.03 -16.00
N LEU A 139 -21.38 -22.58 -17.02
CA LEU A 139 -20.40 -23.49 -17.62
C LEU A 139 -19.35 -23.93 -16.59
N ASN A 140 -18.94 -23.03 -15.69
CA ASN A 140 -18.02 -23.42 -14.62
C ASN A 140 -18.66 -24.44 -13.69
N ILE A 141 -19.96 -24.32 -13.43
CA ILE A 141 -20.65 -25.29 -12.60
C ILE A 141 -20.69 -26.66 -13.28
N VAL A 142 -20.86 -26.68 -14.60
CA VAL A 142 -20.75 -27.95 -15.31
C VAL A 142 -19.41 -28.59 -15.03
N GLY A 143 -18.34 -27.79 -14.95
CA GLY A 143 -17.09 -28.22 -14.38
C GLY A 143 -15.86 -27.68 -15.10
N PRO A 144 -14.68 -27.90 -14.51
CA PRO A 144 -13.46 -27.34 -15.13
C PRO A 144 -13.17 -27.88 -16.53
N LYS A 145 -13.45 -29.16 -16.82
CA LYS A 145 -13.29 -29.70 -18.19
C LYS A 145 -14.14 -28.93 -19.19
N MET A 146 -15.41 -28.64 -18.84
CA MET A 146 -16.28 -27.87 -19.71
C MET A 146 -15.71 -26.46 -19.95
N ILE A 147 -15.37 -25.74 -18.86
CA ILE A 147 -15.04 -24.33 -19.01
C ILE A 147 -13.73 -24.19 -19.76
N THR A 148 -12.78 -25.12 -19.53
CA THR A 148 -11.51 -25.01 -20.23
C THR A 148 -11.62 -25.48 -21.68
N ARG A 149 -12.55 -26.39 -21.99
CA ARG A 149 -12.78 -26.73 -23.39
C ARG A 149 -13.37 -25.55 -24.15
N VAL A 150 -14.34 -24.86 -23.52
CA VAL A 150 -14.96 -23.67 -24.12
C VAL A 150 -13.91 -22.59 -24.31
N GLN A 151 -13.10 -22.33 -23.28
CA GLN A 151 -12.09 -21.30 -23.38
C GLN A 151 -11.00 -21.69 -24.38
N ALA A 152 -10.66 -22.97 -24.51
CA ALA A 152 -9.65 -23.37 -25.49
C ALA A 152 -10.11 -23.05 -26.90
N VAL A 153 -11.38 -23.37 -27.21
CA VAL A 153 -11.91 -23.03 -28.52
C VAL A 153 -11.94 -21.53 -28.72
N ALA A 154 -12.40 -20.78 -27.70
CA ALA A 154 -12.50 -19.32 -27.83
C ALA A 154 -11.11 -18.69 -28.03
N THR A 155 -10.10 -19.24 -27.37
CA THR A 155 -8.76 -18.69 -27.42
C THR A 155 -8.14 -18.94 -28.80
N VAL A 156 -8.34 -20.13 -29.37
CA VAL A 156 -7.87 -20.40 -30.73
C VAL A 156 -8.56 -19.48 -31.72
N LEU A 157 -9.89 -19.32 -31.58
CA LEU A 157 -10.60 -18.37 -32.43
C LEU A 157 -9.99 -16.98 -32.30
N ALA A 158 -9.79 -16.51 -31.08
CA ALA A 158 -9.22 -15.18 -30.88
C ALA A 158 -7.82 -15.08 -31.47
N LEU A 159 -7.11 -16.20 -31.59
CA LEU A 159 -5.78 -16.17 -32.16
C LEU A 159 -5.79 -16.00 -33.67
N ILE A 160 -6.90 -16.35 -34.31
CA ILE A 160 -6.98 -16.22 -35.77
C ILE A 160 -6.54 -14.85 -36.29
N PRO A 161 -7.14 -13.73 -35.87
CA PRO A 161 -6.65 -12.45 -36.40
C PRO A 161 -5.24 -12.11 -35.94
N ILE A 162 -4.89 -12.49 -34.72
CA ILE A 162 -3.61 -12.09 -34.14
C ILE A 162 -2.48 -12.81 -34.86
N VAL A 163 -2.56 -14.13 -34.93
CA VAL A 163 -1.58 -14.91 -35.69
C VAL A 163 -1.66 -14.57 -37.17
N GLY A 164 -2.86 -14.37 -37.70
CA GLY A 164 -2.97 -14.04 -39.12
C GLY A 164 -2.11 -12.84 -39.46
N ILE A 165 -2.28 -11.75 -38.72
CA ILE A 165 -1.43 -10.57 -38.90
C ILE A 165 0.03 -10.90 -38.64
N ALA A 166 0.34 -11.52 -37.50
CA ALA A 166 1.73 -11.78 -37.12
C ALA A 166 2.49 -12.58 -38.17
N VAL A 167 1.81 -13.37 -39.00
CA VAL A 167 2.48 -14.17 -40.01
C VAL A 167 2.40 -13.54 -41.39
N PHE A 168 1.24 -12.97 -41.76
CA PHE A 168 1.04 -12.59 -43.15
C PHE A 168 0.98 -11.09 -43.37
N GLY A 169 0.80 -10.29 -42.32
CA GLY A 169 0.78 -8.86 -42.52
C GLY A 169 2.13 -8.29 -42.90
N TRP A 170 3.20 -9.06 -42.69
CA TRP A 170 4.53 -8.62 -43.07
C TRP A 170 4.66 -8.40 -44.56
N PHE A 171 3.80 -9.04 -45.36
CA PHE A 171 3.76 -8.75 -46.79
C PHE A 171 3.32 -7.31 -47.04
N TRP A 172 2.54 -6.71 -46.14
CA TRP A 172 2.16 -5.31 -46.28
C TRP A 172 2.96 -4.39 -45.35
N PHE A 173 3.74 -4.95 -44.45
CA PHE A 173 4.56 -4.15 -43.54
C PHE A 173 5.52 -3.29 -44.32
N ARG A 174 5.64 -2.02 -43.91
CA ARG A 174 6.62 -1.10 -44.49
C ARG A 174 7.41 -0.44 -43.37
N GLY A 175 8.74 -0.58 -43.43
CA GLY A 175 9.59 -0.01 -42.39
C GLY A 175 9.58 1.51 -42.41
N GLU A 176 9.37 2.12 -43.58
CA GLU A 176 9.19 3.56 -43.62
C GLU A 176 8.03 3.99 -42.74
N THR A 177 6.93 3.24 -42.79
CA THR A 177 5.74 3.58 -42.03
C THR A 177 6.00 3.42 -40.54
N TYR A 178 6.67 2.31 -40.15
CA TYR A 178 7.00 2.08 -38.75
C TYR A 178 7.88 3.20 -38.21
N MET A 179 8.98 3.48 -38.91
CA MET A 179 9.95 4.46 -38.42
C MET A 179 9.48 5.90 -38.53
N ALA A 180 8.52 6.21 -39.41
CA ALA A 180 8.07 7.60 -39.44
C ALA A 180 7.41 7.97 -38.12
N ALA A 181 6.93 6.98 -37.39
CA ALA A 181 6.28 7.15 -36.09
C ALA A 181 7.11 6.50 -35.01
N TRP A 182 8.44 6.58 -35.12
CA TRP A 182 9.29 5.89 -34.15
C TRP A 182 9.05 6.39 -32.74
N ASN A 183 8.96 7.72 -32.58
CA ASN A 183 8.72 8.29 -31.25
C ASN A 183 7.86 9.53 -31.46
N VAL A 184 6.57 9.40 -31.15
CA VAL A 184 5.64 10.49 -31.25
C VAL A 184 5.14 10.89 -29.87
N SER A 185 5.76 10.38 -28.80
CA SER A 185 5.36 10.66 -27.42
C SER A 185 5.68 12.11 -27.01
N GLY A 186 6.56 12.79 -27.73
CA GLY A 186 7.15 14.02 -27.29
C GLY A 186 8.13 13.90 -26.13
N LEU A 187 8.42 12.69 -25.69
CA LEU A 187 9.33 12.40 -24.59
C LEU A 187 10.68 11.92 -25.13
N GLY A 188 11.72 12.08 -24.32
CA GLY A 188 12.99 11.43 -24.61
C GLY A 188 12.83 9.90 -24.52
N THR A 189 13.93 9.20 -24.83
CA THR A 189 13.89 7.73 -24.92
C THR A 189 13.39 7.08 -23.63
N PHE A 190 13.91 7.48 -22.46
CA PHE A 190 13.47 6.80 -21.25
C PHE A 190 11.98 7.08 -20.98
N GLY A 191 11.55 8.32 -21.13
CA GLY A 191 10.14 8.64 -20.93
C GLY A 191 9.23 7.86 -21.88
N ALA A 192 9.65 7.73 -23.14
CA ALA A 192 8.88 6.94 -24.11
C ALA A 192 8.81 5.48 -23.72
N ILE A 193 9.92 4.91 -23.25
CA ILE A 193 9.88 3.54 -22.75
C ILE A 193 8.92 3.45 -21.57
N GLN A 194 8.99 4.42 -20.66
CA GLN A 194 8.08 4.41 -19.51
C GLN A 194 6.63 4.46 -19.98
N SER A 195 6.31 5.33 -20.95
CA SER A 195 4.93 5.39 -21.40
C SER A 195 4.50 4.06 -21.99
N THR A 196 5.42 3.33 -22.62
CA THR A 196 5.10 1.98 -23.11
C THR A 196 4.80 1.02 -21.96
N LEU A 197 5.70 0.99 -20.97
CA LEU A 197 5.56 0.07 -19.83
C LEU A 197 4.25 0.30 -19.10
N ASN A 198 3.82 1.56 -19.02
CA ASN A 198 2.53 1.90 -18.43
C ASN A 198 1.40 1.08 -19.05
N VAL A 199 1.57 0.66 -20.29
CA VAL A 199 0.60 -0.21 -20.97
C VAL A 199 1.01 -1.68 -20.88
N THR A 200 2.25 -1.99 -21.26
CA THR A 200 2.65 -3.34 -21.53
C THR A 200 2.84 -4.16 -20.25
N LEU A 201 3.28 -3.55 -19.15
CA LEU A 201 3.49 -4.34 -17.93
C LEU A 201 2.19 -4.97 -17.48
N TRP A 202 1.08 -4.29 -17.74
CA TRP A 202 -0.21 -4.81 -17.34
C TRP A 202 -0.74 -5.85 -18.32
N SER A 203 -0.07 -6.06 -19.46
N SER A 203 -0.05 -6.11 -19.40
CA SER A 203 -0.56 -7.03 -20.45
CA SER A 203 -0.58 -7.04 -20.42
C SER A 203 -0.28 -8.49 -20.09
C SER A 203 -0.25 -8.50 -20.10
N PHE A 204 0.42 -8.81 -19.00
CA PHE A 204 0.70 -10.20 -18.67
C PHE A 204 -0.02 -10.63 -17.40
N ILE A 205 -0.99 -9.85 -16.94
CA ILE A 205 -1.85 -10.35 -15.88
C ILE A 205 -2.52 -11.65 -16.35
N GLY A 206 -2.46 -12.69 -15.54
CA GLY A 206 -2.95 -14.01 -15.92
C GLY A 206 -1.86 -15.03 -16.02
N VAL A 207 -0.59 -14.63 -15.88
CA VAL A 207 0.52 -15.57 -15.88
C VAL A 207 0.38 -16.63 -14.78
N GLU A 208 -0.29 -16.27 -13.68
CA GLU A 208 -0.50 -17.17 -12.54
C GLU A 208 -1.63 -18.18 -12.74
N SER A 209 -2.31 -18.17 -13.89
CA SER A 209 -3.58 -18.88 -14.01
C SER A 209 -3.42 -20.38 -13.74
N ALA A 210 -2.42 -21.02 -14.36
CA ALA A 210 -2.30 -22.46 -14.14
C ALA A 210 -1.96 -22.79 -12.70
N SER A 211 -1.07 -22.01 -12.08
CA SER A 211 -0.69 -22.20 -10.68
C SER A 211 -1.92 -22.09 -9.77
N VAL A 212 -2.78 -21.10 -10.03
CA VAL A 212 -3.98 -20.95 -9.21
C VAL A 212 -4.95 -22.10 -9.45
N ALA A 213 -5.01 -22.63 -10.69
CA ALA A 213 -5.89 -23.75 -11.04
C ALA A 213 -5.25 -25.15 -10.83
N ALA A 214 -4.13 -25.22 -10.11
CA ALA A 214 -3.37 -26.47 -10.01
C ALA A 214 -4.24 -27.62 -9.47
N GLY A 215 -5.19 -27.33 -8.57
CA GLY A 215 -6.09 -28.35 -8.05
C GLY A 215 -6.98 -29.04 -9.08
N VAL A 216 -7.18 -28.44 -10.26
CA VAL A 216 -7.99 -29.09 -11.28
C VAL A 216 -7.15 -29.51 -12.49
N VAL A 217 -5.82 -29.38 -12.41
CA VAL A 217 -4.95 -29.73 -13.55
C VAL A 217 -4.43 -31.17 -13.41
N LYS A 218 -4.51 -31.93 -14.49
CA LYS A 218 -3.86 -33.23 -14.57
C LYS A 218 -2.35 -33.08 -14.37
N ASN A 219 -1.75 -33.98 -13.58
CA ASN A 219 -0.30 -34.02 -13.37
C ASN A 219 0.30 -32.62 -13.20
N PRO A 220 -0.16 -31.88 -12.18
CA PRO A 220 0.21 -30.46 -12.08
C PRO A 220 1.71 -30.21 -11.94
N LYS A 221 2.46 -31.07 -11.30
CA LYS A 221 3.91 -30.80 -11.15
C LYS A 221 4.55 -30.73 -12.53
N ARG A 222 3.94 -31.35 -13.51
CA ARG A 222 4.51 -31.33 -14.86
C ARG A 222 3.76 -30.32 -15.71
N ASN A 223 2.47 -30.27 -15.61
CA ASN A 223 1.72 -29.45 -16.56
C ASN A 223 1.59 -27.98 -16.13
N VAL A 224 1.49 -27.65 -14.86
CA VAL A 224 1.40 -26.24 -14.52
C VAL A 224 2.66 -25.50 -14.97
N PRO A 225 3.88 -26.02 -14.74
CA PRO A 225 5.07 -25.27 -15.22
C PRO A 225 5.06 -25.09 -16.74
N ILE A 226 4.77 -26.15 -17.49
CA ILE A 226 4.73 -26.06 -18.95
C ILE A 226 3.67 -25.07 -19.40
N ALA A 227 2.45 -25.18 -18.85
CA ALA A 227 1.38 -24.27 -19.25
C ALA A 227 1.68 -22.81 -18.90
N THR A 228 2.33 -22.57 -17.76
CA THR A 228 2.68 -21.22 -17.36
C THR A 228 3.66 -20.60 -18.33
N ILE A 229 4.78 -21.29 -18.56
CA ILE A 229 5.80 -20.71 -19.43
C ILE A 229 5.29 -20.66 -20.87
N GLY A 230 4.65 -21.74 -21.32
CA GLY A 230 4.10 -21.78 -22.67
C GLY A 230 3.03 -20.73 -22.93
N GLY A 231 2.09 -20.54 -21.98
CA GLY A 231 1.11 -19.49 -22.15
C GLY A 231 1.73 -18.11 -22.27
N VAL A 232 2.72 -17.80 -21.40
CA VAL A 232 3.35 -16.51 -21.46
C VAL A 232 4.09 -16.34 -22.79
N LEU A 233 4.73 -17.39 -23.28
CA LEU A 233 5.48 -17.29 -24.54
C LEU A 233 4.55 -17.05 -25.73
N ILE A 234 3.40 -17.76 -25.76
CA ILE A 234 2.38 -17.52 -26.77
C ILE A 234 1.99 -16.06 -26.76
N ALA A 235 1.65 -15.53 -25.58
CA ALA A 235 1.22 -14.15 -25.49
C ALA A 235 2.33 -13.20 -25.93
N ALA A 236 3.55 -13.40 -25.44
CA ALA A 236 4.64 -12.51 -25.79
C ALA A 236 4.83 -12.45 -27.30
N VAL A 237 4.89 -13.61 -27.96
CA VAL A 237 5.09 -13.64 -29.41
C VAL A 237 3.93 -12.96 -30.11
N CYS A 238 2.70 -13.28 -29.72
CA CYS A 238 1.55 -12.68 -30.35
C CYS A 238 1.60 -11.16 -30.23
N TYR A 239 1.90 -10.65 -29.02
CA TYR A 239 1.95 -9.21 -28.75
C TYR A 239 2.97 -8.53 -29.63
N VAL A 240 4.21 -9.00 -29.58
CA VAL A 240 5.28 -8.31 -30.29
C VAL A 240 5.01 -8.34 -31.80
N LEU A 241 4.77 -9.54 -32.34
CA LEU A 241 4.63 -9.64 -33.79
C LEU A 241 3.44 -8.83 -34.29
N SER A 242 2.29 -8.93 -33.61
CA SER A 242 1.10 -8.27 -34.11
C SER A 242 1.18 -6.75 -33.96
N THR A 243 1.59 -6.24 -32.78
CA THR A 243 1.67 -4.78 -32.67
C THR A 243 2.71 -4.21 -33.63
N THR A 244 3.84 -4.90 -33.79
CA THR A 244 4.85 -4.43 -34.72
C THR A 244 4.29 -4.41 -36.16
N ALA A 245 3.70 -5.52 -36.60
CA ALA A 245 3.19 -5.59 -37.96
C ALA A 245 2.20 -4.45 -38.21
N ILE A 246 1.25 -4.27 -37.28
CA ILE A 246 0.24 -3.23 -37.47
C ILE A 246 0.86 -1.85 -37.58
N MET A 247 1.84 -1.53 -36.73
CA MET A 247 2.46 -0.22 -36.82
C MET A 247 3.24 -0.03 -38.13
N GLY A 248 3.56 -1.13 -38.82
CA GLY A 248 4.17 -0.94 -40.12
C GLY A 248 3.20 -0.98 -41.29
N MET A 249 1.93 -1.32 -41.02
CA MET A 249 0.94 -1.40 -42.09
C MET A 249 -0.01 -0.21 -42.11
N ILE A 250 -0.19 0.48 -40.99
CA ILE A 250 -1.23 1.49 -40.81
C ILE A 250 -0.54 2.77 -40.32
N PRO A 251 -0.75 3.91 -40.98
CA PRO A 251 -0.11 5.14 -40.49
C PRO A 251 -0.52 5.45 -39.06
N ASN A 252 0.44 6.02 -38.33
CA ASN A 252 0.26 6.28 -36.91
C ASN A 252 -0.98 7.11 -36.62
N ALA A 253 -1.26 8.12 -37.45
CA ALA A 253 -2.41 9.01 -37.20
C ALA A 253 -3.72 8.23 -37.16
N ALA A 254 -3.93 7.31 -38.11
CA ALA A 254 -5.14 6.50 -38.09
C ALA A 254 -5.17 5.54 -36.91
N LEU A 255 -4.02 4.91 -36.63
CA LEU A 255 -3.93 3.96 -35.52
C LEU A 255 -4.30 4.61 -34.20
N ARG A 256 -3.92 5.87 -34.01
CA ARG A 256 -4.20 6.57 -32.75
C ARG A 256 -5.69 6.62 -32.48
N VAL A 257 -6.48 7.01 -33.50
CA VAL A 257 -7.90 7.26 -33.33
C VAL A 257 -8.76 6.02 -33.37
N SER A 258 -8.23 4.90 -33.88
CA SER A 258 -9.04 3.70 -34.05
C SER A 258 -9.42 3.10 -32.71
N ALA A 259 -10.72 2.83 -32.53
CA ALA A 259 -11.17 2.11 -31.34
C ALA A 259 -10.98 0.60 -31.48
N SER A 260 -10.87 0.10 -32.70
CA SER A 260 -10.60 -1.32 -32.95
C SER A 260 -9.61 -1.39 -34.10
N PRO A 261 -8.31 -1.22 -33.82
CA PRO A 261 -7.33 -1.19 -34.93
C PRO A 261 -7.31 -2.46 -35.77
N PHE A 262 -7.22 -3.66 -35.17
CA PHE A 262 -7.29 -4.89 -35.97
C PHE A 262 -8.55 -4.94 -36.82
N GLY A 263 -9.71 -4.66 -36.21
CA GLY A 263 -10.96 -4.71 -36.95
C GLY A 263 -11.12 -3.59 -37.94
N ASP A 264 -10.62 -2.38 -37.62
CA ASP A 264 -10.72 -1.26 -38.55
C ASP A 264 -9.77 -1.46 -39.73
N ALA A 265 -8.59 -2.04 -39.48
CA ALA A 265 -7.65 -2.38 -40.54
C ALA A 265 -8.14 -3.52 -41.40
N ALA A 266 -8.85 -4.48 -40.80
CA ALA A 266 -9.35 -5.60 -41.58
C ALA A 266 -10.53 -5.17 -42.45
N ARG A 267 -11.56 -4.56 -41.83
CA ARG A 267 -12.76 -4.16 -42.55
C ARG A 267 -12.45 -3.32 -43.78
N MET A 268 -11.30 -2.67 -43.81
CA MET A 268 -10.88 -1.85 -44.94
C MET A 268 -9.79 -2.51 -45.78
N ALA A 269 -9.25 -3.66 -45.37
CA ALA A 269 -8.28 -4.39 -46.17
C ALA A 269 -8.96 -5.44 -47.06
N LEU A 270 -9.51 -6.49 -46.44
CA LEU A 270 -10.12 -7.60 -47.17
C LEU A 270 -11.65 -7.55 -47.19
N GLY A 271 -12.26 -6.41 -46.87
CA GLY A 271 -13.69 -6.22 -47.00
C GLY A 271 -14.42 -6.29 -45.66
N ASP A 272 -15.75 -6.21 -45.76
CA ASP A 272 -16.60 -6.18 -44.57
C ASP A 272 -16.61 -7.52 -43.83
N THR A 273 -16.51 -8.64 -44.57
CA THR A 273 -16.41 -9.94 -43.91
C THR A 273 -15.18 -9.98 -42.99
N ALA A 274 -14.12 -9.26 -43.33
CA ALA A 274 -12.92 -9.29 -42.51
C ALA A 274 -13.15 -8.59 -41.18
N GLY A 275 -13.77 -7.41 -41.21
CA GLY A 275 -14.14 -6.76 -39.97
C GLY A 275 -15.07 -7.61 -39.14
N ALA A 276 -15.95 -8.37 -39.81
CA ALA A 276 -16.84 -9.30 -39.11
C ALA A 276 -16.04 -10.40 -38.43
N ILE A 277 -15.14 -11.02 -39.17
CA ILE A 277 -14.33 -12.10 -38.60
C ILE A 277 -13.55 -11.58 -37.40
N VAL A 278 -12.93 -10.42 -37.53
CA VAL A 278 -12.13 -9.89 -36.43
C VAL A 278 -12.99 -9.61 -35.22
N SER A 279 -14.15 -8.97 -35.42
CA SER A 279 -15.01 -8.66 -34.29
C SER A 279 -15.47 -9.91 -33.58
N PHE A 280 -15.83 -10.95 -34.35
CA PHE A 280 -16.27 -12.20 -33.77
C PHE A 280 -15.14 -12.85 -32.97
N CYS A 281 -13.94 -12.91 -33.55
CA CYS A 281 -12.81 -13.53 -32.85
C CYS A 281 -12.45 -12.77 -31.58
N ALA A 282 -12.50 -11.44 -31.63
CA ALA A 282 -12.16 -10.65 -30.46
C ALA A 282 -13.19 -10.85 -29.35
N ALA A 283 -14.48 -10.90 -29.72
CA ALA A 283 -15.49 -11.22 -28.73
C ALA A 283 -15.23 -12.60 -28.12
N ALA A 284 -14.89 -13.58 -28.94
CA ALA A 284 -14.65 -14.92 -28.41
C ALA A 284 -13.50 -14.91 -27.40
N GLY A 285 -12.41 -14.21 -27.70
CA GLY A 285 -11.31 -14.18 -26.75
C GLY A 285 -11.73 -13.57 -25.42
N CYS A 286 -12.48 -12.47 -25.47
N CYS A 286 -12.42 -12.44 -25.40
CA CYS A 286 -12.95 -11.85 -24.23
CA CYS A 286 -12.89 -11.81 -24.16
C CYS A 286 -13.85 -12.79 -23.41
C CYS A 286 -13.78 -12.75 -23.34
N LEU A 287 -14.88 -13.33 -24.07
CA LEU A 287 -15.86 -14.11 -23.34
C LEU A 287 -15.25 -15.39 -22.78
N GLY A 288 -14.38 -16.06 -23.57
CA GLY A 288 -13.71 -17.22 -23.04
C GLY A 288 -12.90 -16.89 -21.81
N SER A 289 -12.22 -15.74 -21.84
CA SER A 289 -11.52 -15.21 -20.68
C SER A 289 -12.44 -15.11 -19.47
N LEU A 290 -13.69 -14.67 -19.67
CA LEU A 290 -14.67 -14.67 -18.56
C LEU A 290 -14.76 -16.03 -17.88
N GLY A 291 -14.85 -17.09 -18.68
CA GLY A 291 -14.91 -18.43 -18.10
C GLY A 291 -13.69 -18.74 -17.25
N GLY A 292 -12.51 -18.46 -17.81
CA GLY A 292 -11.28 -18.77 -17.09
C GLY A 292 -11.10 -17.99 -15.79
N TRP A 293 -11.41 -16.69 -15.81
CA TRP A 293 -11.22 -15.86 -14.61
C TRP A 293 -12.26 -16.23 -13.54
N THR A 294 -13.46 -16.60 -13.96
CA THR A 294 -14.42 -17.12 -12.99
C THR A 294 -13.94 -18.42 -12.35
N LEU A 295 -13.39 -19.35 -13.17
CA LEU A 295 -12.82 -20.56 -12.61
C LEU A 295 -11.80 -20.22 -11.52
N LEU A 296 -10.94 -19.24 -11.81
CA LEU A 296 -9.87 -18.90 -10.88
C LEU A 296 -10.45 -18.31 -9.58
N ALA A 297 -11.47 -17.46 -9.69
CA ALA A 297 -12.14 -16.96 -8.47
C ALA A 297 -12.64 -18.13 -7.61
N GLY A 298 -13.36 -19.09 -8.22
CA GLY A 298 -13.83 -20.22 -7.45
C GLY A 298 -12.69 -21.00 -6.83
N GLN A 299 -11.56 -21.12 -7.55
CA GLN A 299 -10.48 -21.97 -7.06
C GLN A 299 -9.71 -21.31 -5.89
N THR A 300 -9.38 -20.01 -6.00
CA THR A 300 -8.69 -19.33 -4.90
C THR A 300 -9.57 -19.36 -3.65
N ALA A 301 -10.87 -19.01 -3.79
CA ALA A 301 -11.74 -18.99 -2.62
C ALA A 301 -11.91 -20.37 -2.00
N LYS A 302 -12.03 -21.44 -2.81
CA LYS A 302 -12.13 -22.78 -2.25
C LYS A 302 -10.86 -23.15 -1.47
N ALA A 303 -9.67 -22.86 -2.03
CA ALA A 303 -8.44 -23.24 -1.35
C ALA A 303 -8.31 -22.53 0.01
N ALA A 304 -8.63 -21.24 0.03
CA ALA A 304 -8.59 -20.48 1.27
C ALA A 304 -9.62 -21.01 2.27
N ALA A 305 -10.86 -21.26 1.81
CA ALA A 305 -11.89 -21.82 2.69
C ALA A 305 -11.50 -23.20 3.22
N ASP A 306 -10.85 -24.02 2.39
CA ASP A 306 -10.44 -25.35 2.80
C ASP A 306 -9.45 -25.29 3.95
N ASP A 307 -8.65 -24.22 4.02
CA ASP A 307 -7.76 -23.96 5.15
C ASP A 307 -8.38 -23.15 6.29
N GLY A 308 -9.70 -22.96 6.31
CA GLY A 308 -10.31 -22.10 7.32
C GLY A 308 -9.97 -20.62 7.23
N LEU A 309 -9.60 -20.10 6.05
CA LEU A 309 -9.21 -18.70 5.90
C LEU A 309 -10.16 -17.92 5.00
N PHE A 310 -11.40 -18.39 4.83
CA PHE A 310 -12.43 -17.76 4.01
C PHE A 310 -13.72 -18.45 4.40
N PRO A 311 -14.88 -17.85 4.20
CA PRO A 311 -16.11 -18.47 4.75
C PRO A 311 -16.33 -19.87 4.20
N PRO A 312 -16.73 -20.80 5.07
CA PRO A 312 -16.89 -22.23 4.67
C PRO A 312 -17.74 -22.44 3.42
N ILE A 313 -18.73 -21.58 3.16
CA ILE A 313 -19.56 -21.78 1.98
C ILE A 313 -18.71 -21.86 0.70
N PHE A 314 -17.53 -21.24 0.68
CA PHE A 314 -16.73 -21.25 -0.56
C PHE A 314 -16.01 -22.57 -0.79
N ALA A 315 -16.00 -23.45 0.20
CA ALA A 315 -15.41 -24.78 0.06
C ALA A 315 -16.44 -25.87 -0.17
N ARG A 316 -17.73 -25.53 -0.20
CA ARG A 316 -18.73 -26.56 -0.39
C ARG A 316 -18.68 -27.01 -1.85
N VAL A 317 -18.60 -28.30 -2.06
CA VAL A 317 -18.45 -28.82 -3.41
C VAL A 317 -19.50 -29.85 -3.73
N ASN A 318 -19.75 -30.03 -5.02
CA ASN A 318 -20.52 -31.16 -5.51
C ASN A 318 -19.62 -32.39 -5.56
N LYS A 319 -20.14 -33.49 -6.11
CA LYS A 319 -19.43 -34.76 -6.10
C LYS A 319 -18.15 -34.69 -6.92
N ALA A 320 -18.12 -33.85 -7.95
CA ALA A 320 -16.92 -33.65 -8.76
C ALA A 320 -15.90 -32.72 -8.12
N GLY A 321 -16.18 -32.13 -6.96
CA GLY A 321 -15.26 -31.19 -6.37
C GLY A 321 -15.39 -29.74 -6.82
N THR A 322 -16.43 -29.40 -7.57
CA THR A 322 -16.66 -28.04 -8.00
C THR A 322 -17.29 -27.22 -6.88
N PRO A 323 -16.75 -26.03 -6.58
CA PRO A 323 -17.34 -25.14 -5.55
C PRO A 323 -18.55 -24.40 -6.12
N VAL A 324 -19.66 -25.14 -6.26
CA VAL A 324 -20.83 -24.61 -6.93
C VAL A 324 -21.32 -23.36 -6.22
N ALA A 325 -21.48 -23.44 -4.90
CA ALA A 325 -21.95 -22.28 -4.14
C ALA A 325 -21.02 -21.08 -4.31
N GLY A 326 -19.70 -21.29 -4.28
CA GLY A 326 -18.77 -20.19 -4.47
C GLY A 326 -18.91 -19.53 -5.82
N LEU A 327 -19.16 -20.35 -6.86
CA LEU A 327 -19.32 -19.83 -8.21
C LEU A 327 -20.61 -19.02 -8.31
N ILE A 328 -21.67 -19.49 -7.66
CA ILE A 328 -22.91 -18.73 -7.66
C ILE A 328 -22.73 -17.39 -6.92
N ILE A 329 -22.04 -17.40 -5.79
CA ILE A 329 -21.82 -16.15 -5.06
C ILE A 329 -21.07 -15.16 -5.94
N VAL A 330 -20.03 -15.62 -6.64
CA VAL A 330 -19.31 -14.77 -7.57
C VAL A 330 -20.25 -14.24 -8.66
N GLY A 331 -21.16 -15.08 -9.14
CA GLY A 331 -22.11 -14.63 -10.14
C GLY A 331 -23.01 -13.52 -9.62
N ILE A 332 -23.47 -13.65 -8.38
CA ILE A 332 -24.32 -12.62 -7.79
C ILE A 332 -23.55 -11.30 -7.66
N LEU A 333 -22.32 -11.38 -7.13
CA LEU A 333 -21.51 -10.18 -6.92
C LEU A 333 -21.23 -9.50 -8.25
N MET A 334 -20.87 -10.28 -9.27
CA MET A 334 -20.62 -9.71 -10.57
C MET A 334 -21.87 -9.08 -11.14
N THR A 335 -23.04 -9.70 -10.92
CA THR A 335 -24.29 -9.12 -11.41
C THR A 335 -24.53 -7.76 -10.80
N ILE A 336 -24.29 -7.64 -9.50
CA ILE A 336 -24.50 -6.35 -8.83
C ILE A 336 -23.59 -5.29 -9.44
N PHE A 337 -22.30 -5.60 -9.56
CA PHE A 337 -21.40 -4.59 -10.10
C PHE A 337 -21.67 -4.32 -11.57
N GLN A 338 -22.19 -5.29 -12.30
CA GLN A 338 -22.51 -5.10 -13.71
C GLN A 338 -23.56 -4.03 -13.92
N LEU A 339 -24.28 -3.64 -12.88
CA LEU A 339 -25.21 -2.54 -13.05
C LEU A 339 -24.50 -1.26 -13.48
N SER A 340 -23.19 -1.16 -13.22
CA SER A 340 -22.45 0.05 -13.58
C SER A 340 -22.56 0.38 -15.07
N SER A 341 -22.79 -0.62 -15.94
CA SER A 341 -22.82 -0.33 -17.37
C SER A 341 -24.16 0.29 -17.82
N ILE A 342 -25.02 0.67 -16.87
CA ILE A 342 -26.36 1.11 -17.24
C ILE A 342 -26.35 2.52 -17.84
N SER A 343 -25.32 3.30 -17.57
CA SER A 343 -25.22 4.66 -18.10
C SER A 343 -23.75 5.01 -18.21
N PRO A 344 -23.41 6.04 -18.97
CA PRO A 344 -22.01 6.52 -18.98
C PRO A 344 -21.50 6.94 -17.61
N ASN A 345 -22.35 7.63 -16.81
CA ASN A 345 -21.93 8.04 -15.47
C ASN A 345 -21.81 6.85 -14.53
N ALA A 346 -22.72 5.88 -14.65
CA ALA A 346 -22.59 4.64 -13.86
C ALA A 346 -21.26 3.94 -14.15
N THR A 347 -20.91 3.82 -15.45
CA THR A 347 -19.67 3.15 -15.84
C THR A 347 -18.45 3.92 -15.38
N LYS A 348 -18.50 5.26 -15.46
CA LYS A 348 -17.38 6.04 -14.94
C LYS A 348 -17.20 5.82 -13.44
N GLU A 349 -18.31 5.83 -12.69
CA GLU A 349 -18.25 5.49 -11.26
C GLU A 349 -17.54 4.15 -11.03
N PHE A 350 -18.00 3.08 -11.70
CA PHE A 350 -17.37 1.77 -11.49
C PHE A 350 -15.90 1.73 -11.93
N GLY A 351 -15.48 2.62 -12.83
CA GLY A 351 -14.14 2.56 -13.38
C GLY A 351 -13.03 2.57 -12.34
N LEU A 352 -13.14 3.42 -11.31
CA LEU A 352 -12.07 3.47 -10.31
C LEU A 352 -11.96 2.13 -9.59
N VAL A 353 -13.09 1.50 -9.28
CA VAL A 353 -13.07 0.18 -8.70
C VAL A 353 -12.28 -0.77 -9.60
N SER A 354 -12.60 -0.81 -10.90
CA SER A 354 -11.87 -1.71 -11.79
C SER A 354 -10.36 -1.44 -11.75
N SER A 355 -9.97 -0.16 -11.81
CA SER A 355 -8.54 0.16 -11.87
C SER A 355 -7.83 -0.28 -10.61
N VAL A 356 -8.42 0.02 -9.45
CA VAL A 356 -7.84 -0.42 -8.18
C VAL A 356 -7.68 -1.95 -8.16
N SER A 357 -8.73 -2.66 -8.55
CA SER A 357 -8.71 -4.10 -8.39
C SER A 357 -7.63 -4.73 -9.25
N VAL A 358 -7.25 -4.08 -10.35
CA VAL A 358 -6.15 -4.63 -11.15
C VAL A 358 -4.82 -4.59 -10.38
N ILE A 359 -4.59 -3.53 -9.62
CA ILE A 359 -3.39 -3.46 -8.79
C ILE A 359 -3.36 -4.59 -7.79
N PHE A 360 -4.55 -5.04 -7.31
CA PHE A 360 -4.57 -6.12 -6.31
C PHE A 360 -3.69 -7.32 -6.70
N THR A 361 -3.72 -7.73 -7.96
CA THR A 361 -3.04 -8.95 -8.40
C THR A 361 -1.56 -8.92 -8.11
N LEU A 362 -0.97 -7.74 -8.06
CA LEU A 362 0.49 -7.66 -7.91
C LEU A 362 0.94 -8.12 -6.53
N VAL A 363 0.09 -8.04 -5.50
CA VAL A 363 0.51 -8.54 -4.19
C VAL A 363 0.70 -10.05 -4.20
N PRO A 364 -0.28 -10.84 -4.73
CA PRO A 364 -0.01 -12.27 -5.00
C PRO A 364 1.28 -12.52 -5.78
N TYR A 365 1.57 -11.75 -6.78
CA TYR A 365 2.82 -11.96 -7.53
C TYR A 365 4.03 -11.71 -6.62
N LEU A 366 4.00 -10.62 -5.86
CA LEU A 366 5.13 -10.27 -4.96
C LEU A 366 5.37 -11.38 -3.94
N TYR A 367 4.32 -11.95 -3.37
CA TYR A 367 4.47 -13.02 -2.37
C TYR A 367 4.88 -14.32 -3.05
N THR A 368 4.49 -14.54 -4.27
CA THR A 368 4.97 -15.77 -4.91
C THR A 368 6.49 -15.70 -5.14
N CYS A 369 6.98 -14.53 -5.56
CA CYS A 369 8.44 -14.36 -5.70
C CYS A 369 9.14 -14.61 -4.36
N ALA A 370 8.61 -13.97 -3.31
CA ALA A 370 9.17 -14.17 -1.98
C ALA A 370 9.17 -15.64 -1.61
N ALA A 371 8.04 -16.31 -1.82
CA ALA A 371 7.87 -17.69 -1.42
C ALA A 371 8.84 -18.60 -2.16
N LEU A 372 9.06 -18.38 -3.47
CA LEU A 372 10.03 -19.23 -4.18
C LEU A 372 11.36 -19.21 -3.45
N LEU A 373 11.84 -18.01 -3.08
CA LEU A 373 13.14 -17.97 -2.39
C LEU A 373 13.07 -18.60 -0.99
N LEU A 374 12.04 -18.22 -0.22
CA LEU A 374 11.94 -18.54 1.20
C LEU A 374 11.67 -20.02 1.44
N LEU A 375 10.85 -20.64 0.58
CA LEU A 375 10.54 -22.06 0.63
C LEU A 375 11.48 -22.89 -0.21
N GLY A 376 11.96 -22.41 -1.35
CA GLY A 376 12.65 -23.28 -2.27
C GLY A 376 14.15 -23.24 -2.23
N HIS A 377 14.78 -22.43 -1.35
CA HIS A 377 16.24 -22.37 -1.36
C HIS A 377 16.92 -23.74 -1.28
N GLY A 378 16.32 -24.71 -0.60
CA GLY A 378 16.98 -26.01 -0.50
C GLY A 378 16.94 -26.83 -1.77
N HIS A 379 16.29 -26.34 -2.83
CA HIS A 379 16.17 -27.03 -4.10
C HIS A 379 16.98 -26.40 -5.21
N PHE A 380 17.64 -25.25 -4.97
CA PHE A 380 18.35 -24.57 -6.05
C PHE A 380 19.67 -25.27 -6.40
N GLY A 381 20.44 -25.67 -5.39
CA GLY A 381 21.75 -26.24 -5.63
C GLY A 381 22.69 -25.24 -6.27
N LYS A 382 23.52 -25.75 -7.19
CA LYS A 382 24.54 -24.94 -7.85
C LYS A 382 23.94 -23.77 -8.62
N ALA A 383 22.69 -23.87 -9.03
CA ALA A 383 22.03 -22.83 -9.81
C ALA A 383 21.44 -21.73 -8.95
N ARG A 384 21.76 -21.68 -7.65
CA ARG A 384 21.20 -20.64 -6.78
C ARG A 384 21.31 -19.22 -7.35
N PRO A 385 22.46 -18.76 -7.86
CA PRO A 385 22.49 -17.38 -8.40
C PRO A 385 21.47 -17.15 -9.48
N ALA A 386 21.31 -18.10 -10.41
CA ALA A 386 20.29 -17.99 -11.44
C ALA A 386 18.91 -17.78 -10.82
N TYR A 387 18.56 -18.61 -9.84
CA TYR A 387 17.26 -18.45 -9.20
C TYR A 387 17.15 -17.04 -8.59
N LEU A 388 18.25 -16.55 -8.01
CA LEU A 388 18.19 -15.24 -7.36
C LEU A 388 18.03 -14.14 -8.41
N ALA A 389 18.73 -14.27 -9.54
CA ALA A 389 18.64 -13.24 -10.56
C ALA A 389 17.23 -13.22 -11.18
N VAL A 390 16.74 -14.39 -11.60
CA VAL A 390 15.42 -14.41 -12.23
C VAL A 390 14.36 -13.87 -11.29
N THR A 391 14.40 -14.28 -10.01
CA THR A 391 13.38 -13.82 -9.06
C THR A 391 13.51 -12.31 -8.81
N THR A 392 14.73 -11.79 -8.81
CA THR A 392 14.91 -10.35 -8.67
C THR A 392 14.28 -9.65 -9.86
N ILE A 393 14.46 -10.22 -11.06
CA ILE A 393 13.81 -9.63 -12.23
C ILE A 393 12.31 -9.64 -12.05
N ALA A 394 11.75 -10.74 -11.51
CA ALA A 394 10.31 -10.79 -11.34
C ALA A 394 9.85 -9.76 -10.31
N PHE A 395 10.65 -9.56 -9.25
CA PHE A 395 10.30 -8.54 -8.25
C PHE A 395 10.24 -7.18 -8.92
N LEU A 396 11.21 -6.92 -9.79
CA LEU A 396 11.29 -5.61 -10.41
C LEU A 396 10.09 -5.40 -11.31
N TYR A 397 9.68 -6.46 -12.00
CA TYR A 397 8.50 -6.39 -12.83
C TYR A 397 7.32 -5.87 -12.00
N CYS A 398 7.09 -6.51 -10.86
CA CYS A 398 5.93 -6.16 -10.04
C CYS A 398 6.06 -4.73 -9.54
N ILE A 399 7.24 -4.39 -9.05
CA ILE A 399 7.39 -3.07 -8.49
C ILE A 399 7.25 -2.04 -9.58
N TRP A 400 7.84 -2.29 -10.75
N TRP A 400 7.82 -2.29 -10.76
CA TRP A 400 7.80 -1.29 -11.79
CA TRP A 400 7.75 -1.20 -11.71
C TRP A 400 6.36 -1.02 -12.24
C TRP A 400 6.32 -1.00 -12.21
N ALA A 401 5.53 -2.08 -12.27
CA ALA A 401 4.15 -1.95 -12.68
C ALA A 401 3.43 -0.95 -11.77
N VAL A 402 3.66 -1.06 -10.46
CA VAL A 402 3.05 -0.13 -9.52
C VAL A 402 3.65 1.27 -9.66
N VAL A 403 4.98 1.36 -9.87
CA VAL A 403 5.61 2.68 -9.93
C VAL A 403 4.97 3.51 -11.01
N GLY A 404 4.56 2.88 -12.11
CA GLY A 404 3.99 3.60 -13.22
C GLY A 404 2.48 3.75 -13.20
N SER A 405 1.77 3.26 -12.17
CA SER A 405 0.31 3.31 -12.06
C SER A 405 -0.16 4.68 -11.56
N GLY A 406 -1.46 4.95 -11.71
CA GLY A 406 -1.99 6.20 -11.20
C GLY A 406 -1.97 6.21 -9.68
N ALA A 407 -1.61 7.37 -9.10
CA ALA A 407 -1.48 7.46 -7.65
C ALA A 407 -2.78 7.10 -6.94
N LYS A 408 -3.92 7.57 -7.46
CA LYS A 408 -5.19 7.30 -6.76
C LYS A 408 -5.51 5.80 -6.69
N GLU A 409 -5.26 5.03 -7.77
CA GLU A 409 -5.54 3.62 -7.73
C GLU A 409 -4.62 2.90 -6.73
N VAL A 410 -3.35 3.33 -6.67
CA VAL A 410 -2.46 2.69 -5.70
C VAL A 410 -2.87 3.07 -4.26
N MET A 411 -3.28 4.28 -4.07
N MET A 411 -3.30 4.32 -4.09
CA MET A 411 -3.69 4.73 -2.73
CA MET A 411 -3.72 4.83 -2.77
C MET A 411 -4.87 3.88 -2.25
C MET A 411 -4.87 3.96 -2.23
N TRP A 412 -5.87 3.70 -3.06
CA TRP A 412 -7.00 2.87 -2.61
C TRP A 412 -6.64 1.40 -2.47
N SER A 413 -5.62 0.89 -3.18
CA SER A 413 -5.11 -0.43 -2.88
C SER A 413 -4.50 -0.51 -1.47
N PHE A 414 -3.68 0.52 -1.11
CA PHE A 414 -3.11 0.62 0.22
C PHE A 414 -4.22 0.57 1.29
N VAL A 415 -5.24 1.39 1.08
CA VAL A 415 -6.40 1.40 2.01
C VAL A 415 -7.00 0.00 2.10
N THR A 416 -7.17 -0.69 0.96
CA THR A 416 -7.77 -2.02 0.99
C THR A 416 -6.95 -2.99 1.83
N LEU A 417 -5.62 -2.96 1.69
CA LEU A 417 -4.78 -3.78 2.55
C LEU A 417 -5.04 -3.47 4.03
N MET A 418 -5.21 -2.20 4.36
CA MET A 418 -5.43 -1.88 5.77
C MET A 418 -6.77 -2.45 6.26
N VAL A 419 -7.81 -2.31 5.44
CA VAL A 419 -9.12 -2.87 5.79
C VAL A 419 -9.07 -4.38 5.95
N ILE A 420 -8.37 -5.08 5.05
CA ILE A 420 -8.20 -6.53 5.16
C ILE A 420 -7.52 -6.89 6.48
N THR A 421 -6.50 -6.12 6.87
CA THR A 421 -5.83 -6.40 8.14
C THR A 421 -6.81 -6.30 9.30
N ALA A 422 -7.58 -5.21 9.35
CA ALA A 422 -8.56 -5.07 10.40
C ALA A 422 -9.58 -6.20 10.37
N MET A 423 -10.07 -6.58 9.18
CA MET A 423 -11.04 -7.67 9.06
C MET A 423 -10.46 -8.97 9.59
N TYR A 424 -9.22 -9.27 9.23
CA TYR A 424 -8.60 -10.49 9.71
C TYR A 424 -8.54 -10.48 11.23
N ALA A 425 -8.10 -9.37 11.81
CA ALA A 425 -7.99 -9.33 13.27
C ALA A 425 -9.35 -9.47 13.93
N LEU A 426 -10.36 -8.77 13.42
CA LEU A 426 -11.68 -8.80 14.04
C LEU A 426 -12.37 -10.15 13.84
N ASN A 427 -12.08 -10.85 12.75
CA ASN A 427 -12.79 -12.08 12.46
C ASN A 427 -12.07 -13.32 12.97
N TYR A 428 -10.74 -13.26 13.11
CA TYR A 428 -9.97 -14.45 13.40
C TYR A 428 -9.28 -14.44 14.76
N ASN A 429 -9.45 -13.39 15.57
CA ASN A 429 -8.93 -13.51 16.93
C ASN A 429 -9.64 -14.65 17.66
N ARG A 430 -8.86 -15.41 18.43
CA ARG A 430 -9.27 -16.63 19.15
C ARG A 430 -9.24 -17.89 18.29
N LEU A 431 -9.05 -17.74 16.98
CA LEU A 431 -8.84 -18.86 16.07
C LEU A 431 -7.39 -18.82 15.60
N HIS A 432 -6.87 -17.62 15.35
CA HIS A 432 -5.50 -17.42 14.90
C HIS A 432 -4.50 -17.89 15.94
N LYS A 433 -3.51 -18.65 15.48
CA LYS A 433 -2.41 -19.11 16.32
C LYS A 433 -1.25 -18.15 16.11
N ASN A 434 -0.65 -17.69 17.21
CA ASN A 434 0.40 -16.67 17.19
C ASN A 434 1.77 -17.35 17.19
N PRO A 435 2.68 -16.96 16.29
CA PRO A 435 4.02 -17.56 16.31
C PRO A 435 4.73 -17.39 17.64
N TYR A 436 4.54 -16.26 18.33
CA TYR A 436 5.14 -16.04 19.66
C TYR A 436 4.08 -15.58 20.63
N PRO A 437 3.26 -16.50 21.13
CA PRO A 437 2.14 -16.10 21.99
C PRO A 437 2.59 -15.58 23.34
N LEU A 438 1.73 -14.78 23.95
CA LEU A 438 1.97 -14.42 25.34
C LEU A 438 1.93 -15.67 26.20
N ASP A 439 2.41 -15.54 27.42
CA ASP A 439 2.22 -16.64 28.35
C ASP A 439 0.74 -16.79 28.70
N ALA A 440 0.37 -17.98 29.14
CA ALA A 440 -1.02 -18.27 29.47
C ALA A 440 -1.58 -17.21 30.41
N PRO A 441 -2.84 -16.75 30.21
CA PRO A 441 -3.48 -15.73 31.06
C PRO A 441 -3.26 -15.92 32.57
N ASP B 6 17.31 -0.95 37.26
CA ASP B 6 16.80 0.45 37.08
C ASP B 6 17.85 1.53 37.33
N ALA B 7 19.09 1.34 36.94
CA ALA B 7 20.08 2.41 37.19
C ALA B 7 19.97 3.38 36.02
N HIS B 8 19.84 2.82 34.85
CA HIS B 8 19.74 3.66 33.63
C HIS B 8 18.29 3.71 33.17
N LYS B 9 17.32 3.25 33.93
CA LYS B 9 15.94 3.27 33.46
C LYS B 9 15.29 4.62 33.76
N VAL B 10 14.29 4.93 32.97
CA VAL B 10 13.67 6.25 32.92
C VAL B 10 12.39 6.18 33.72
N GLY B 11 12.16 7.20 34.54
CA GLY B 11 11.00 7.24 35.40
C GLY B 11 9.74 7.69 34.66
N LEU B 12 8.63 7.58 35.38
CA LEU B 12 7.31 7.81 34.81
C LEU B 12 7.16 9.23 34.27
N ILE B 13 7.53 10.24 35.04
CA ILE B 13 7.33 11.62 34.59
C ILE B 13 8.09 11.89 33.30
N PRO B 14 9.39 11.62 33.21
CA PRO B 14 10.08 11.88 31.94
C PRO B 14 9.51 11.08 30.79
N VAL B 15 9.11 9.82 30.99
CA VAL B 15 8.54 9.06 29.86
C VAL B 15 7.24 9.69 29.39
N THR B 16 6.38 10.08 30.33
CA THR B 16 5.12 10.74 29.95
C THR B 16 5.37 12.00 29.15
N LEU B 17 6.33 12.82 29.58
CA LEU B 17 6.68 14.03 28.88
C LEU B 17 7.30 13.72 27.52
N MET B 18 8.01 12.61 27.38
CA MET B 18 8.46 12.19 26.05
C MET B 18 7.26 11.89 25.15
N VAL B 19 6.25 11.21 25.66
CA VAL B 19 5.08 10.92 24.83
C VAL B 19 4.43 12.22 24.39
N SER B 20 4.14 13.11 25.35
CA SER B 20 3.44 14.33 24.98
C SER B 20 4.32 15.23 24.11
N GLY B 21 5.62 15.30 24.39
CA GLY B 21 6.49 16.14 23.58
C GLY B 21 6.71 15.59 22.18
N ASN B 22 6.78 14.26 22.04
CA ASN B 22 6.94 13.67 20.72
C ASN B 22 5.69 13.89 19.89
N ILE B 23 4.52 13.85 20.55
CA ILE B 23 3.26 14.09 19.86
C ILE B 23 3.14 15.55 19.45
N MET B 24 3.32 16.44 20.40
CA MET B 24 3.10 17.88 20.19
C MET B 24 4.16 18.57 19.34
N GLY B 25 5.42 18.36 19.66
CA GLY B 25 6.53 18.69 18.77
C GLY B 25 6.43 20.02 18.07
N SER B 26 6.66 20.01 16.79
CA SER B 26 6.55 21.19 15.90
C SER B 26 5.10 21.58 15.65
N GLY B 27 4.24 20.62 15.52
CA GLY B 27 2.87 20.87 15.08
C GLY B 27 2.03 21.74 15.99
N VAL B 28 2.19 21.66 17.28
CA VAL B 28 1.21 22.33 18.15
C VAL B 28 1.15 23.83 17.85
N PHE B 29 2.30 24.48 17.62
CA PHE B 29 2.33 25.94 17.44
C PHE B 29 1.83 26.37 16.06
N LEU B 30 1.66 25.42 15.14
CA LEU B 30 1.23 25.69 13.78
C LEU B 30 -0.21 25.27 13.52
N LEU B 31 -0.78 24.45 14.39
CA LEU B 31 -2.16 23.98 14.23
C LEU B 31 -3.17 25.08 13.96
N PRO B 32 -3.21 26.16 14.75
CA PRO B 32 -4.25 27.17 14.51
C PRO B 32 -4.16 27.77 13.11
N ALA B 33 -2.96 27.94 12.57
CA ALA B 33 -2.85 28.49 11.22
C ALA B 33 -3.35 27.49 10.19
N ASN B 34 -3.09 26.21 10.40
CA ASN B 34 -3.55 25.20 9.47
C ASN B 34 -5.06 25.03 9.54
N LEU B 35 -5.64 25.19 10.72
CA LEU B 35 -7.08 25.00 10.88
C LEU B 35 -7.88 26.24 10.51
N ALA B 36 -7.24 27.41 10.49
CA ALA B 36 -7.91 28.65 10.16
C ALA B 36 -8.52 28.64 8.76
N SER B 37 -7.97 27.84 7.84
CA SER B 37 -8.54 27.78 6.49
C SER B 37 -9.90 27.10 6.47
N THR B 38 -10.23 26.36 7.53
CA THR B 38 -11.55 25.74 7.71
C THR B 38 -12.44 26.54 8.64
N GLY B 39 -11.94 26.92 9.82
CA GLY B 39 -12.69 27.75 10.76
C GLY B 39 -13.02 26.98 12.03
N GLY B 40 -13.91 27.58 12.85
CA GLY B 40 -14.19 27.05 14.16
C GLY B 40 -14.91 25.72 14.15
N ILE B 41 -15.55 25.36 13.03
CA ILE B 41 -16.11 24.02 12.86
C ILE B 41 -15.06 22.95 13.06
N ALA B 42 -13.76 23.31 13.02
CA ALA B 42 -12.71 22.39 13.39
C ALA B 42 -12.98 21.70 14.72
N ILE B 43 -13.77 22.32 15.61
CA ILE B 43 -14.02 21.67 16.90
C ILE B 43 -14.58 20.26 16.67
N TYR B 44 -15.46 20.09 15.67
CA TYR B 44 -16.01 18.76 15.36
C TYR B 44 -14.91 17.79 14.95
N GLY B 45 -14.02 18.22 14.06
CA GLY B 45 -12.89 17.39 13.74
C GLY B 45 -12.09 17.00 14.96
N TRP B 46 -11.86 17.98 15.87
CA TRP B 46 -11.09 17.63 17.06
C TRP B 46 -11.80 16.53 17.84
N LEU B 47 -13.13 16.63 17.95
CA LEU B 47 -13.83 15.64 18.74
C LEU B 47 -13.64 14.24 18.14
N VAL B 48 -13.69 14.15 16.80
CA VAL B 48 -13.53 12.85 16.17
C VAL B 48 -12.11 12.35 16.39
N THR B 49 -11.14 13.26 16.25
CA THR B 49 -9.74 12.87 16.32
C THR B 49 -9.41 12.37 17.71
N ILE B 50 -9.85 13.12 18.73
CA ILE B 50 -9.49 12.75 20.07
C ILE B 50 -10.14 11.43 20.46
N ILE B 51 -11.34 11.12 19.94
CA ILE B 51 -11.88 9.80 20.28
C ILE B 51 -11.00 8.71 19.64
N GLY B 52 -10.57 8.93 18.41
CA GLY B 52 -9.78 7.93 17.72
C GLY B 52 -8.42 7.77 18.34
N ALA B 53 -7.76 8.90 18.66
CA ALA B 53 -6.43 8.87 19.25
C ALA B 53 -6.48 8.27 20.65
N LEU B 54 -7.49 8.64 21.46
CA LEU B 54 -7.60 7.99 22.75
C LEU B 54 -7.76 6.50 22.55
N GLY B 55 -8.54 6.10 21.54
CA GLY B 55 -8.71 4.68 21.30
C GLY B 55 -7.38 4.03 21.03
N LEU B 56 -6.60 4.66 20.15
CA LEU B 56 -5.32 4.05 19.81
C LEU B 56 -4.42 4.03 21.02
N SER B 57 -4.48 5.07 21.86
CA SER B 57 -3.62 5.08 23.04
C SER B 57 -4.01 3.95 23.99
N MET B 58 -5.31 3.65 24.08
CA MET B 58 -5.74 2.56 24.95
C MET B 58 -5.25 1.23 24.40
N VAL B 59 -5.29 1.08 23.07
CA VAL B 59 -4.75 -0.11 22.47
C VAL B 59 -3.29 -0.24 22.85
N TYR B 60 -2.51 0.82 22.66
CA TYR B 60 -1.10 0.73 23.02
C TYR B 60 -0.95 0.46 24.51
N ALA B 61 -1.78 1.12 25.33
CA ALA B 61 -1.63 0.93 26.77
C ALA B 61 -1.86 -0.51 27.14
N LYS B 62 -2.88 -1.14 26.54
CA LYS B 62 -3.19 -2.49 26.94
C LYS B 62 -2.15 -3.45 26.38
N MET B 63 -1.68 -3.17 25.17
CA MET B 63 -0.78 -4.13 24.56
C MET B 63 0.55 -4.13 25.32
N SER B 64 1.02 -2.94 25.69
CA SER B 64 2.25 -2.81 26.46
C SER B 64 2.08 -3.35 27.86
N PHE B 65 0.87 -3.28 28.41
CA PHE B 65 0.64 -3.92 29.69
C PHE B 65 0.82 -5.43 29.58
N LEU B 66 0.30 -6.01 28.49
CA LEU B 66 0.37 -7.45 28.31
C LEU B 66 1.76 -7.87 27.91
N ASP B 67 2.53 -7.00 27.32
CA ASP B 67 3.83 -7.37 26.79
C ASP B 67 4.74 -6.15 26.68
N PRO B 68 5.40 -5.75 27.76
CA PRO B 68 6.28 -4.57 27.71
C PRO B 68 7.56 -4.87 26.93
N SER B 69 7.44 -5.32 25.71
CA SER B 69 8.64 -5.72 24.99
C SER B 69 9.36 -4.49 24.43
N PRO B 70 10.68 -4.49 24.46
CA PRO B 70 11.43 -3.45 23.74
C PRO B 70 11.03 -3.41 22.27
N GLY B 71 10.85 -2.19 21.75
CA GLY B 71 10.49 -1.99 20.36
C GLY B 71 9.00 -1.82 20.11
N GLY B 72 8.17 -2.05 21.10
CA GLY B 72 6.73 -1.81 20.97
C GLY B 72 6.10 -2.46 19.76
N SER B 73 5.61 -1.67 18.82
CA SER B 73 4.91 -2.17 17.61
C SER B 73 5.68 -3.30 16.92
N TYR B 74 6.95 -3.14 16.72
CA TYR B 74 7.76 -4.19 16.07
C TYR B 74 7.60 -5.50 16.81
N ALA B 75 7.75 -5.49 18.12
CA ALA B 75 7.68 -6.71 18.89
C ALA B 75 6.28 -7.32 18.82
N TYR B 76 5.24 -6.46 18.81
CA TYR B 76 3.92 -7.03 18.81
C TYR B 76 3.62 -7.66 17.46
N ALA B 77 4.06 -7.01 16.38
CA ALA B 77 3.72 -7.53 15.06
C ALA B 77 4.42 -8.87 14.85
N ARG B 78 5.69 -8.91 15.25
CA ARG B 78 6.42 -10.17 15.25
C ARG B 78 5.71 -11.26 16.02
N ARG B 79 5.15 -10.93 17.21
CA ARG B 79 4.49 -11.96 18.00
C ARG B 79 3.29 -12.52 17.28
N CYS B 80 2.52 -11.66 16.62
CA CYS B 80 1.24 -12.16 16.16
C CYS B 80 1.27 -12.57 14.71
N PHE B 81 2.17 -11.97 13.91
CA PHE B 81 2.26 -12.26 12.49
C PHE B 81 3.57 -12.88 12.08
N GLY B 82 4.59 -12.83 12.93
CA GLY B 82 5.82 -13.52 12.63
C GLY B 82 6.91 -12.61 12.10
N PRO B 83 8.07 -13.19 11.80
CA PRO B 83 9.26 -12.39 11.46
C PRO B 83 9.11 -11.49 10.26
N PHE B 84 8.45 -11.92 9.18
CA PHE B 84 8.37 -11.02 8.04
C PHE B 84 7.69 -9.71 8.43
N LEU B 85 6.53 -9.79 9.11
CA LEU B 85 5.83 -8.55 9.41
C LEU B 85 6.52 -7.78 10.53
N GLY B 86 7.21 -8.47 11.47
CA GLY B 86 8.15 -7.79 12.34
C GLY B 86 9.17 -6.98 11.57
N TYR B 87 9.82 -7.62 10.60
CA TYR B 87 10.84 -6.97 9.77
C TYR B 87 10.25 -5.72 9.11
N GLN B 88 9.08 -5.87 8.50
CA GLN B 88 8.43 -4.76 7.81
C GLN B 88 8.12 -3.62 8.78
N THR B 89 7.60 -3.97 9.96
CA THR B 89 7.19 -2.97 10.95
C THR B 89 8.39 -2.15 11.39
N ASN B 90 9.51 -2.82 11.67
CA ASN B 90 10.66 -2.05 12.11
C ASN B 90 11.22 -1.20 10.98
N VAL B 91 11.40 -1.76 9.78
CA VAL B 91 11.93 -0.92 8.70
C VAL B 91 11.09 0.36 8.56
N LEU B 92 9.77 0.21 8.44
CA LEU B 92 8.91 1.38 8.26
C LEU B 92 9.07 2.37 9.42
N TYR B 93 8.98 1.86 10.66
CA TYR B 93 8.96 2.76 11.81
C TYR B 93 10.33 3.44 11.99
N TRP B 94 11.40 2.68 11.84
CA TRP B 94 12.75 3.27 11.92
C TRP B 94 12.93 4.40 10.92
N LEU B 95 12.59 4.16 9.64
CA LEU B 95 12.63 5.20 8.64
C LEU B 95 11.82 6.41 9.08
N ALA B 96 10.58 6.19 9.53
CA ALA B 96 9.73 7.32 9.91
C ALA B 96 10.38 8.16 11.01
N CYS B 97 10.96 7.52 12.02
CA CYS B 97 11.60 8.25 13.12
C CYS B 97 12.68 9.20 12.60
N TRP B 98 13.67 8.64 11.88
CA TRP B 98 14.78 9.56 11.61
C TRP B 98 14.52 10.47 10.41
N ILE B 99 13.71 10.06 9.40
CA ILE B 99 13.36 11.00 8.36
C ILE B 99 12.51 12.14 8.92
N GLY B 100 11.62 11.86 9.88
CA GLY B 100 10.82 12.94 10.45
C GLY B 100 11.64 13.97 11.21
N ASN B 101 12.80 13.54 11.73
CA ASN B 101 13.65 14.53 12.39
C ASN B 101 14.14 15.67 11.49
N ILE B 102 14.24 15.49 10.16
CA ILE B 102 14.74 16.58 9.30
C ILE B 102 13.76 17.77 9.31
N ALA B 103 12.51 17.48 9.04
CA ALA B 103 11.48 18.54 9.04
C ALA B 103 11.46 19.16 10.42
N MET B 104 11.61 18.36 11.47
CA MET B 104 11.56 18.76 12.91
CA MET B 104 11.64 18.83 12.90
C MET B 104 12.67 19.89 13.44
N VAL B 105 13.84 19.55 12.97
CA VAL B 105 15.03 20.42 13.23
C VAL B 105 14.91 21.66 12.34
N VAL B 106 14.42 21.56 11.12
CA VAL B 106 14.29 22.78 10.33
C VAL B 106 13.28 23.71 10.99
N ILE B 107 12.16 23.17 11.47
CA ILE B 107 11.19 24.03 12.14
C ILE B 107 11.77 24.62 13.42
N GLY B 108 12.39 23.77 14.25
CA GLY B 108 12.97 24.26 15.50
C GLY B 108 13.99 25.37 15.29
N VAL B 109 14.95 25.13 14.40
CA VAL B 109 15.94 26.18 14.14
C VAL B 109 15.27 27.43 13.53
N GLY B 110 14.21 27.23 12.73
CA GLY B 110 13.48 28.37 12.20
C GLY B 110 12.86 29.23 13.29
N TYR B 111 12.30 28.60 14.32
CA TYR B 111 11.83 29.38 15.47
C TYR B 111 12.96 30.21 16.06
N LEU B 112 14.15 29.61 16.15
CA LEU B 112 15.29 30.37 16.69
C LEU B 112 15.73 31.51 15.76
N SER B 113 15.32 31.49 14.50
CA SER B 113 15.64 32.64 13.65
C SER B 113 15.02 33.94 14.17
N TYR B 114 14.04 33.87 15.09
CA TYR B 114 13.51 35.09 15.72
C TYR B 114 14.61 35.87 16.42
N PHE B 115 15.57 35.17 17.02
CA PHE B 115 16.71 35.78 17.70
C PHE B 115 17.90 36.00 16.77
N PHE B 116 18.17 35.07 15.87
CA PHE B 116 19.34 35.11 15.00
C PHE B 116 18.87 35.02 13.55
N PRO B 117 18.65 36.15 12.87
CA PRO B 117 18.04 36.09 11.52
C PRO B 117 18.94 35.45 10.45
N ILE B 118 20.25 35.36 10.67
CA ILE B 118 21.12 34.59 9.77
C ILE B 118 20.65 33.15 9.61
N LEU B 119 19.86 32.64 10.57
CA LEU B 119 19.37 31.27 10.46
C LEU B 119 18.35 31.10 9.35
N LYS B 120 17.87 32.18 8.73
CA LYS B 120 17.02 31.99 7.54
C LYS B 120 17.82 31.85 6.26
N ASP B 121 19.11 32.13 6.27
CA ASP B 121 19.97 31.83 5.12
C ASP B 121 20.11 30.32 4.98
N PRO B 122 19.71 29.73 3.85
CA PRO B 122 19.68 28.25 3.79
C PRO B 122 21.02 27.60 4.16
N LEU B 123 22.15 28.22 3.86
CA LEU B 123 23.43 27.57 4.15
C LEU B 123 23.67 27.50 5.66
N VAL B 124 23.55 28.65 6.34
CA VAL B 124 23.70 28.69 7.79
C VAL B 124 22.66 27.80 8.44
N LEU B 125 21.44 27.80 7.92
CA LEU B 125 20.40 26.93 8.44
C LEU B 125 20.81 25.47 8.36
N THR B 126 21.36 25.06 7.21
CA THR B 126 21.72 23.65 7.02
C THR B 126 22.82 23.26 7.98
N ILE B 127 23.86 24.09 8.07
CA ILE B 127 24.96 23.77 8.97
C ILE B 127 24.46 23.68 10.40
N THR B 128 23.60 24.63 10.79
CA THR B 128 23.11 24.63 12.16
C THR B 128 22.28 23.40 12.43
N CYS B 129 21.44 23.02 11.47
CA CYS B 129 20.61 21.83 11.63
C CYS B 129 21.47 20.59 11.81
N VAL B 130 22.51 20.43 10.97
CA VAL B 130 23.40 19.27 11.11
C VAL B 130 24.00 19.23 12.50
N VAL B 131 24.50 20.37 12.96
CA VAL B 131 25.09 20.45 14.30
C VAL B 131 24.07 20.03 15.35
N VAL B 132 22.86 20.58 15.28
CA VAL B 132 21.84 20.29 16.28
C VAL B 132 21.47 18.81 16.27
N LEU B 133 21.30 18.22 15.07
CA LEU B 133 21.03 16.80 14.98
C LEU B 133 22.10 15.99 15.69
N TRP B 134 23.37 16.37 15.49
CA TRP B 134 24.41 15.61 16.16
C TRP B 134 24.42 15.85 17.66
N ILE B 135 24.05 17.06 18.09
CA ILE B 135 23.91 17.32 19.53
C ILE B 135 22.95 16.30 20.13
N PHE B 136 21.82 16.08 19.44
CA PHE B 136 20.85 15.14 20.02
C PHE B 136 21.25 13.69 19.84
N VAL B 137 21.99 13.34 18.78
CA VAL B 137 22.56 12.00 18.72
C VAL B 137 23.51 11.78 19.90
N LEU B 138 24.36 12.77 20.20
CA LEU B 138 25.35 12.65 21.25
C LEU B 138 24.68 12.55 22.62
N LEU B 139 23.63 13.33 22.84
CA LEU B 139 22.90 13.19 24.10
C LEU B 139 22.32 11.78 24.24
N ASN B 140 21.80 11.21 23.13
CA ASN B 140 21.30 9.85 23.22
C ASN B 140 22.41 8.86 23.52
N ILE B 141 23.60 9.11 22.97
CA ILE B 141 24.73 8.23 23.30
C ILE B 141 25.13 8.36 24.78
N VAL B 142 24.98 9.56 25.36
CA VAL B 142 25.20 9.72 26.79
C VAL B 142 24.22 8.83 27.56
N GLY B 143 22.98 8.73 27.07
CA GLY B 143 22.07 7.71 27.55
C GLY B 143 20.62 8.13 27.58
N PRO B 144 19.71 7.14 27.74
CA PRO B 144 18.28 7.47 27.77
C PRO B 144 17.85 8.31 28.97
N LYS B 145 18.45 8.13 30.15
CA LYS B 145 18.15 9.05 31.26
C LYS B 145 18.50 10.49 30.89
N MET B 146 19.66 10.70 30.24
CA MET B 146 20.03 12.04 29.78
C MET B 146 19.04 12.58 28.76
N ILE B 147 18.75 11.81 27.70
CA ILE B 147 17.94 12.34 26.61
C ILE B 147 16.53 12.64 27.09
N THR B 148 16.00 11.80 28.01
CA THR B 148 14.64 12.03 28.48
C THR B 148 14.58 13.13 29.51
N ARG B 149 15.65 13.38 30.27
CA ARG B 149 15.71 14.55 31.14
C ARG B 149 15.71 15.84 30.31
N VAL B 150 16.56 15.88 29.27
CA VAL B 150 16.60 17.03 28.38
C VAL B 150 15.23 17.27 27.72
N GLN B 151 14.62 16.22 27.18
CA GLN B 151 13.32 16.40 26.54
C GLN B 151 12.25 16.78 27.55
N ALA B 152 12.32 16.29 28.79
CA ALA B 152 11.33 16.69 29.79
C ALA B 152 11.37 18.19 30.02
N VAL B 153 12.57 18.73 30.24
CA VAL B 153 12.68 20.17 30.43
C VAL B 153 12.19 20.91 29.19
N ALA B 154 12.60 20.42 28.01
CA ALA B 154 12.22 21.09 26.77
C ALA B 154 10.71 21.11 26.61
N THR B 155 10.06 20.02 27.01
CA THR B 155 8.62 19.84 26.82
C THR B 155 7.84 20.74 27.79
N VAL B 156 8.31 20.86 29.02
CA VAL B 156 7.67 21.79 29.95
C VAL B 156 7.81 23.24 29.45
N LEU B 157 9.00 23.59 28.96
CA LEU B 157 9.15 24.91 28.35
C LEU B 157 8.14 25.10 27.23
N ALA B 158 8.01 24.12 26.35
CA ALA B 158 7.09 24.24 25.22
C ALA B 158 5.64 24.33 25.68
N LEU B 159 5.32 23.77 26.86
CA LEU B 159 3.98 23.91 27.42
C LEU B 159 3.68 25.31 27.91
N ILE B 160 4.71 26.07 28.26
CA ILE B 160 4.46 27.40 28.84
C ILE B 160 3.49 28.23 27.98
N PRO B 161 3.78 28.45 26.70
CA PRO B 161 2.83 29.25 25.89
C PRO B 161 1.51 28.54 25.65
N ILE B 162 1.56 27.22 25.45
CA ILE B 162 0.36 26.47 25.09
C ILE B 162 -0.61 26.48 26.26
N VAL B 163 -0.11 26.14 27.45
CA VAL B 163 -0.93 26.17 28.66
C VAL B 163 -1.28 27.59 29.05
N GLY B 164 -0.35 28.53 28.83
CA GLY B 164 -0.66 29.93 29.15
C GLY B 164 -1.86 30.44 28.38
N ILE B 165 -1.91 30.19 27.06
CA ILE B 165 -3.07 30.62 26.30
C ILE B 165 -4.29 29.77 26.64
N ALA B 166 -4.12 28.45 26.79
CA ALA B 166 -5.24 27.54 27.03
C ALA B 166 -5.89 27.77 28.39
N VAL B 167 -5.22 28.44 29.31
CA VAL B 167 -5.78 28.79 30.60
C VAL B 167 -6.20 30.25 30.67
N PHE B 168 -5.32 31.16 30.26
CA PHE B 168 -5.56 32.58 30.45
C PHE B 168 -5.98 33.28 29.18
N GLY B 169 -5.92 32.61 28.03
CA GLY B 169 -6.43 33.17 26.81
C GLY B 169 -7.92 33.43 26.81
N TRP B 170 -8.66 32.88 27.76
CA TRP B 170 -10.11 33.01 27.72
C TRP B 170 -10.58 34.38 28.18
N PHE B 171 -9.76 35.09 28.96
CA PHE B 171 -10.06 36.48 29.27
C PHE B 171 -10.24 37.32 28.01
N TRP B 172 -9.49 37.02 26.95
CA TRP B 172 -9.54 37.74 25.67
C TRP B 172 -10.38 37.02 24.61
N PHE B 173 -10.88 35.83 24.92
CA PHE B 173 -11.65 35.06 23.95
C PHE B 173 -13.00 35.71 23.71
N ARG B 174 -13.41 35.80 22.45
CA ARG B 174 -14.72 36.32 22.11
C ARG B 174 -15.44 35.32 21.24
N GLY B 175 -16.62 34.89 21.68
CA GLY B 175 -17.40 33.95 20.89
C GLY B 175 -17.80 34.51 19.55
N GLU B 176 -18.08 35.81 19.50
CA GLU B 176 -18.37 36.47 18.22
C GLU B 176 -17.24 36.20 17.23
N THR B 177 -16.00 36.42 17.64
CA THR B 177 -14.86 36.21 16.74
C THR B 177 -14.78 34.77 16.29
N TYR B 178 -14.95 33.84 17.21
CA TYR B 178 -14.90 32.42 16.89
C TYR B 178 -15.97 32.05 15.86
N MET B 179 -17.21 32.43 16.13
CA MET B 179 -18.34 32.04 15.28
C MET B 179 -18.38 32.83 13.98
N ALA B 180 -17.77 34.01 13.91
CA ALA B 180 -17.74 34.74 12.66
C ALA B 180 -16.98 33.96 11.60
N ALA B 181 -16.06 33.09 11.99
CA ALA B 181 -15.36 32.20 11.08
C ALA B 181 -15.68 30.75 11.39
N TRP B 182 -16.94 30.45 11.68
CA TRP B 182 -17.34 29.07 11.94
C TRP B 182 -16.94 28.14 10.80
N ASN B 183 -17.30 28.50 9.56
CA ASN B 183 -16.98 27.63 8.42
C ASN B 183 -16.60 28.55 7.28
N VAL B 184 -15.30 28.71 7.07
CA VAL B 184 -14.78 29.49 5.98
C VAL B 184 -14.14 28.59 4.91
N SER B 185 -14.44 27.30 4.94
CA SER B 185 -13.83 26.35 4.00
C SER B 185 -14.44 26.40 2.61
N GLY B 186 -15.64 26.97 2.49
CA GLY B 186 -16.44 26.86 1.28
C GLY B 186 -17.10 25.50 1.07
N LEU B 187 -16.96 24.56 2.00
CA LEU B 187 -17.51 23.22 1.91
C LEU B 187 -18.71 23.09 2.83
N GLY B 188 -19.54 22.10 2.54
CA GLY B 188 -20.56 21.70 3.50
C GLY B 188 -19.95 21.17 4.78
N THR B 189 -20.80 20.82 5.74
CA THR B 189 -20.31 20.39 7.05
C THR B 189 -19.39 19.18 6.96
N PHE B 190 -19.79 18.14 6.21
CA PHE B 190 -18.92 16.96 6.22
C PHE B 190 -17.58 17.26 5.54
N GLY B 191 -17.59 17.99 4.42
CA GLY B 191 -16.33 18.35 3.77
C GLY B 191 -15.45 19.18 4.68
N ALA B 192 -16.06 20.10 5.44
CA ALA B 192 -15.30 20.91 6.39
C ALA B 192 -14.71 20.05 7.50
N ILE B 193 -15.48 19.08 7.99
CA ILE B 193 -14.91 18.19 9.00
C ILE B 193 -13.75 17.40 8.40
N GLN B 194 -13.90 16.94 7.16
CA GLN B 194 -12.82 16.17 6.54
C GLN B 194 -11.57 17.03 6.37
N SER B 195 -11.74 18.28 5.95
CA SER B 195 -10.59 19.17 5.81
C SER B 195 -9.90 19.36 7.16
N THR B 196 -10.66 19.36 8.25
CA THR B 196 -10.04 19.36 9.59
C THR B 196 -9.25 18.09 9.86
N LEU B 197 -9.88 16.95 9.66
CA LEU B 197 -9.26 15.65 9.94
C LEU B 197 -7.95 15.50 9.18
N ASN B 198 -7.88 16.01 7.96
CA ASN B 198 -6.64 15.94 7.16
C ASN B 198 -5.48 16.56 7.89
N VAL B 199 -5.74 17.52 8.78
CA VAL B 199 -4.73 18.08 9.67
C VAL B 199 -4.65 17.31 10.98
N THR B 200 -5.78 17.12 11.67
CA THR B 200 -5.75 16.71 13.06
C THR B 200 -5.42 15.23 13.25
N LEU B 201 -5.84 14.35 12.34
CA LEU B 201 -5.51 12.94 12.56
C LEU B 201 -3.99 12.75 12.65
N TRP B 202 -3.24 13.56 11.92
CA TRP B 202 -1.78 13.42 11.94
C TRP B 202 -1.15 14.07 13.18
N SER B 203 -1.95 14.75 14.00
N SER B 203 -1.95 14.67 14.02
CA SER B 203 -1.42 15.42 15.19
CA SER B 203 -1.34 15.40 15.18
C SER B 203 -1.04 14.48 16.34
C SER B 203 -1.10 14.48 16.37
N PHE B 204 -1.37 13.19 16.28
CA PHE B 204 -1.15 12.30 17.41
C PHE B 204 -0.09 11.24 17.13
N ILE B 205 0.67 11.40 16.04
CA ILE B 205 1.87 10.58 15.81
C ILE B 205 2.81 10.74 17.00
N GLY B 206 3.26 9.61 17.59
CA GLY B 206 4.03 9.65 18.82
C GLY B 206 3.34 8.98 20.02
N VAL B 207 2.07 8.60 19.84
CA VAL B 207 1.34 7.86 20.88
C VAL B 207 2.05 6.57 21.27
N GLU B 208 2.73 5.93 20.33
CA GLU B 208 3.46 4.69 20.54
C GLU B 208 4.78 4.87 21.29
N SER B 209 5.16 6.09 21.64
CA SER B 209 6.54 6.39 22.04
C SER B 209 6.97 5.59 23.27
N ALA B 210 6.14 5.57 24.32
CA ALA B 210 6.53 4.81 25.50
C ALA B 210 6.61 3.31 25.17
N SER B 211 5.63 2.79 24.42
CA SER B 211 5.64 1.39 24.03
C SER B 211 6.97 1.01 23.36
N VAL B 212 7.43 1.85 22.42
CA VAL B 212 8.66 1.53 21.69
C VAL B 212 9.86 1.62 22.61
N ALA B 213 9.83 2.54 23.55
CA ALA B 213 10.90 2.77 24.52
C ALA B 213 10.84 1.85 25.74
N ALA B 214 9.99 0.83 25.72
CA ALA B 214 9.71 0.10 26.96
C ALA B 214 10.97 -0.54 27.54
N GLY B 215 11.94 -0.93 26.69
CA GLY B 215 13.21 -1.44 27.16
C GLY B 215 14.02 -0.52 28.08
N VAL B 216 13.77 0.79 28.06
CA VAL B 216 14.54 1.71 28.88
C VAL B 216 13.69 2.36 29.97
N VAL B 217 12.45 1.92 30.13
CA VAL B 217 11.53 2.49 31.11
C VAL B 217 11.51 1.65 32.39
N LYS B 218 11.56 2.32 33.55
CA LYS B 218 11.41 1.64 34.83
C LYS B 218 10.03 1.02 34.93
N ASN B 219 9.97 -0.22 35.43
CA ASN B 219 8.72 -0.93 35.69
C ASN B 219 7.79 -0.75 34.50
N PRO B 220 8.19 -1.13 33.28
CA PRO B 220 7.43 -0.73 32.10
C PRO B 220 6.01 -1.25 32.09
N LYS B 221 5.75 -2.37 32.74
CA LYS B 221 4.38 -2.92 32.73
C LYS B 221 3.39 -1.99 33.43
N ARG B 222 3.84 -1.20 34.40
CA ARG B 222 2.98 -0.16 34.97
C ARG B 222 3.15 1.19 34.27
N ASN B 223 4.39 1.60 34.05
CA ASN B 223 4.59 2.97 33.63
C ASN B 223 4.35 3.24 32.14
N VAL B 224 4.53 2.26 31.25
CA VAL B 224 4.33 2.50 29.83
C VAL B 224 2.86 2.77 29.57
N PRO B 225 1.94 1.97 30.11
CA PRO B 225 0.51 2.29 29.89
C PRO B 225 0.15 3.68 30.41
N ILE B 226 0.59 3.99 31.63
CA ILE B 226 0.26 5.29 32.21
C ILE B 226 0.83 6.40 31.34
N ALA B 227 2.11 6.31 30.99
CA ALA B 227 2.69 7.36 30.15
C ALA B 227 1.97 7.48 28.79
N THR B 228 1.53 6.37 28.22
CA THR B 228 0.87 6.43 26.91
C THR B 228 -0.42 7.20 27.00
N ILE B 229 -1.29 6.80 27.94
CA ILE B 229 -2.59 7.47 28.04
C ILE B 229 -2.42 8.91 28.55
N GLY B 230 -1.52 9.12 29.52
CA GLY B 230 -1.28 10.48 30.02
C GLY B 230 -0.67 11.41 28.98
N GLY B 231 0.28 10.92 28.19
CA GLY B 231 0.83 11.76 27.14
C GLY B 231 -0.23 12.16 26.13
N VAL B 232 -1.09 11.21 25.75
CA VAL B 232 -2.12 11.54 24.78
C VAL B 232 -3.12 12.54 25.37
N LEU B 233 -3.54 12.34 26.62
CA LEU B 233 -4.50 13.28 27.23
C LEU B 233 -3.92 14.67 27.31
N ILE B 234 -2.64 14.79 27.71
CA ILE B 234 -2.00 16.10 27.75
C ILE B 234 -2.06 16.77 26.38
N ALA B 235 -1.60 16.06 25.34
CA ALA B 235 -1.64 16.62 24.00
C ALA B 235 -3.07 17.01 23.61
N ALA B 236 -4.04 16.18 23.92
CA ALA B 236 -5.40 16.45 23.44
C ALA B 236 -5.97 17.70 24.09
N VAL B 237 -5.79 17.82 25.39
CA VAL B 237 -6.25 19.02 26.10
C VAL B 237 -5.60 20.25 25.51
N CYS B 238 -4.27 20.21 25.35
CA CYS B 238 -3.54 21.37 24.85
C CYS B 238 -3.98 21.77 23.46
N TYR B 239 -4.07 20.80 22.57
CA TYR B 239 -4.54 21.02 21.21
C TYR B 239 -5.88 21.74 21.20
N VAL B 240 -6.87 21.17 21.89
CA VAL B 240 -8.20 21.72 21.79
C VAL B 240 -8.28 23.09 22.46
N LEU B 241 -7.78 23.21 23.69
CA LEU B 241 -7.86 24.48 24.42
C LEU B 241 -7.17 25.59 23.65
N SER B 242 -5.94 25.36 23.21
CA SER B 242 -5.18 26.43 22.60
C SER B 242 -5.75 26.81 21.22
N THR B 243 -6.05 25.83 20.35
CA THR B 243 -6.57 26.21 19.04
C THR B 243 -7.91 26.93 19.19
N THR B 244 -8.77 26.44 20.09
CA THR B 244 -10.04 27.12 20.31
C THR B 244 -9.81 28.54 20.80
N ALA B 245 -8.93 28.71 21.79
CA ALA B 245 -8.72 30.03 22.36
C ALA B 245 -8.23 30.99 21.28
N ILE B 246 -7.22 30.55 20.51
CA ILE B 246 -6.63 31.44 19.53
C ILE B 246 -7.66 31.86 18.50
N MET B 247 -8.49 30.91 18.04
CA MET B 247 -9.56 31.25 17.11
C MET B 247 -10.60 32.19 17.69
N GLY B 248 -10.72 32.25 19.02
CA GLY B 248 -11.59 33.27 19.54
C GLY B 248 -10.90 34.59 19.88
N MET B 249 -9.56 34.64 19.76
CA MET B 249 -8.80 35.83 20.10
C MET B 249 -8.31 36.62 18.90
N ILE B 250 -8.10 35.97 17.75
CA ILE B 250 -7.49 36.59 16.58
C ILE B 250 -8.42 36.45 15.37
N PRO B 251 -8.76 37.53 14.69
CA PRO B 251 -9.62 37.42 13.51
C PRO B 251 -9.09 36.35 12.57
N ASN B 252 -10.03 35.65 11.91
CA ASN B 252 -9.66 34.53 11.06
C ASN B 252 -8.72 34.98 9.95
N ALA B 253 -8.93 36.18 9.41
CA ALA B 253 -8.11 36.63 8.30
C ALA B 253 -6.64 36.68 8.68
N ALA B 254 -6.33 37.25 9.85
CA ALA B 254 -4.95 37.34 10.32
C ALA B 254 -4.38 35.97 10.66
N LEU B 255 -5.18 35.13 11.31
CA LEU B 255 -4.76 33.78 11.65
C LEU B 255 -4.34 33.00 10.40
N ARG B 256 -5.02 33.24 9.28
CA ARG B 256 -4.68 32.55 8.04
C ARG B 256 -3.25 32.87 7.61
N VAL B 257 -2.97 34.15 7.36
CA VAL B 257 -1.71 34.57 6.78
C VAL B 257 -0.53 34.43 7.75
N SER B 258 -0.80 34.29 9.04
CA SER B 258 0.27 34.21 10.02
C SER B 258 1.05 32.90 9.86
N ALA B 259 2.38 33.02 9.81
CA ALA B 259 3.24 31.85 9.76
C ALA B 259 3.53 31.29 11.15
N SER B 260 3.44 32.11 12.19
CA SER B 260 3.54 31.66 13.58
C SER B 260 2.46 32.38 14.38
N PRO B 261 1.23 31.82 14.41
CA PRO B 261 0.13 32.52 15.07
C PRO B 261 0.33 32.75 16.57
N PHE B 262 0.84 31.78 17.32
CA PHE B 262 1.20 32.04 18.72
C PHE B 262 2.26 33.13 18.82
N GLY B 263 3.30 33.05 17.98
CA GLY B 263 4.38 34.03 18.03
C GLY B 263 3.97 35.40 17.53
N ASP B 264 3.20 35.46 16.45
CA ASP B 264 2.71 36.74 15.94
C ASP B 264 1.69 37.37 16.88
N ALA B 265 0.78 36.55 17.45
CA ALA B 265 -0.20 37.02 18.42
C ALA B 265 0.45 37.49 19.71
N ALA B 266 1.46 36.76 20.19
CA ALA B 266 2.15 37.20 21.41
C ALA B 266 2.92 38.48 21.16
N ARG B 267 3.77 38.48 20.12
CA ARG B 267 4.60 39.65 19.82
C ARG B 267 3.79 40.94 19.77
N MET B 268 2.55 40.86 19.32
CA MET B 268 1.66 42.05 19.22
C MET B 268 0.66 42.12 20.39
N ALA B 269 0.68 41.24 21.38
CA ALA B 269 -0.23 41.25 22.53
C ALA B 269 0.43 41.82 23.78
N LEU B 270 1.51 41.17 24.24
CA LEU B 270 2.25 41.65 25.39
C LEU B 270 3.66 42.10 25.05
N GLY B 271 3.91 42.46 23.79
CA GLY B 271 5.17 43.08 23.39
C GLY B 271 6.14 42.12 22.73
N ASP B 272 7.31 42.69 22.39
CA ASP B 272 8.37 41.92 21.75
C ASP B 272 8.89 40.82 22.66
N THR B 273 8.91 41.05 23.97
CA THR B 273 9.40 40.01 24.88
C THR B 273 8.52 38.78 24.83
N ALA B 274 7.22 38.96 24.62
CA ALA B 274 6.32 37.82 24.49
C ALA B 274 6.63 37.02 23.24
N GLY B 275 6.82 37.69 22.09
CA GLY B 275 7.24 36.97 20.90
C GLY B 275 8.51 36.18 21.14
N ALA B 276 9.48 36.81 21.83
CA ALA B 276 10.71 36.10 22.14
C ALA B 276 10.46 34.87 23.00
N ILE B 277 9.59 34.99 24.01
CA ILE B 277 9.32 33.83 24.86
C ILE B 277 8.70 32.71 24.04
N VAL B 278 7.70 33.04 23.22
CA VAL B 278 7.03 32.01 22.45
C VAL B 278 8.00 31.35 21.50
N SER B 279 8.85 32.14 20.85
CA SER B 279 9.79 31.55 19.91
C SER B 279 10.75 30.62 20.63
N PHE B 280 11.23 31.02 21.81
CA PHE B 280 12.14 30.18 22.54
C PHE B 280 11.48 28.86 22.92
N CYS B 281 10.27 28.93 23.49
CA CYS B 281 9.58 27.74 23.93
C CYS B 281 9.22 26.81 22.76
N ALA B 282 8.81 27.38 21.62
CA ALA B 282 8.46 26.56 20.47
C ALA B 282 9.71 25.85 19.93
N ALA B 283 10.83 26.57 19.85
CA ALA B 283 12.10 25.93 19.49
C ALA B 283 12.43 24.80 20.46
N ALA B 284 12.25 25.04 21.76
CA ALA B 284 12.57 24.03 22.74
C ALA B 284 11.76 22.76 22.51
N GLY B 285 10.50 22.93 22.22
CA GLY B 285 9.63 21.77 21.96
C GLY B 285 10.05 20.99 20.73
N CYS B 286 10.29 21.59 19.66
N CYS B 286 10.36 21.63 19.72
CA CYS B 286 10.79 20.87 18.49
CA CYS B 286 10.86 20.91 18.56
C CYS B 286 12.10 20.16 18.80
C CYS B 286 12.17 20.19 18.87
N LEU B 287 13.08 20.85 19.28
CA LEU B 287 14.43 20.31 19.52
C LEU B 287 14.36 19.17 20.52
N GLY B 288 13.63 19.29 21.60
CA GLY B 288 13.53 18.18 22.53
C GLY B 288 12.97 16.93 21.85
N SER B 289 11.95 17.13 21.01
CA SER B 289 11.39 16.07 20.19
C SER B 289 12.47 15.33 19.40
N LEU B 290 13.43 16.09 18.83
CA LEU B 290 14.55 15.45 18.13
C LEU B 290 15.18 14.35 18.97
N GLY B 291 15.41 14.65 20.25
CA GLY B 291 16.01 13.67 21.13
C GLY B 291 15.14 12.44 21.29
N GLY B 292 13.82 12.66 21.51
CA GLY B 292 12.94 11.52 21.72
C GLY B 292 12.82 10.61 20.49
N TRP B 293 12.67 11.21 19.32
CA TRP B 293 12.51 10.41 18.09
C TRP B 293 13.79 9.71 17.72
N THR B 294 14.94 10.32 17.98
CA THR B 294 16.20 9.60 17.79
C THR B 294 16.34 8.42 18.75
N LEU B 295 15.95 8.60 20.03
CA LEU B 295 15.93 7.49 20.94
C LEU B 295 15.11 6.34 20.39
N LEU B 296 13.93 6.66 19.85
CA LEU B 296 13.03 5.63 19.36
C LEU B 296 13.62 4.91 18.15
N ALA B 297 14.26 5.64 17.25
CA ALA B 297 14.95 4.98 16.13
C ALA B 297 15.95 3.95 16.65
N GLY B 298 16.75 4.36 17.64
CA GLY B 298 17.72 3.44 18.21
C GLY B 298 17.06 2.22 18.81
N GLN B 299 15.93 2.43 19.49
CA GLN B 299 15.29 1.33 20.22
C GLN B 299 14.63 0.32 19.28
N THR B 300 13.88 0.81 18.29
CA THR B 300 13.22 -0.11 17.36
C THR B 300 14.27 -0.91 16.60
N ALA B 301 15.33 -0.24 16.11
CA ALA B 301 16.36 -0.99 15.38
C ALA B 301 17.08 -1.99 16.26
N LYS B 302 17.38 -1.64 17.52
CA LYS B 302 18.03 -2.56 18.42
C LYS B 302 17.15 -3.79 18.68
N ALA B 303 15.84 -3.58 18.90
CA ALA B 303 14.96 -4.71 19.16
C ALA B 303 14.89 -5.65 17.95
N ALA B 304 14.74 -5.08 16.75
CA ALA B 304 14.65 -5.90 15.54
C ALA B 304 15.98 -6.66 15.33
N ALA B 305 17.11 -5.95 15.46
CA ALA B 305 18.42 -6.59 15.31
C ALA B 305 18.66 -7.70 16.33
N ASP B 306 18.21 -7.50 17.58
CA ASP B 306 18.31 -8.52 18.61
C ASP B 306 17.57 -9.79 18.20
N ASP B 307 16.49 -9.67 17.42
CA ASP B 307 15.82 -10.86 16.92
C ASP B 307 16.36 -11.33 15.57
N GLY B 308 17.47 -10.76 15.11
CA GLY B 308 18.00 -11.17 13.82
C GLY B 308 17.19 -10.65 12.66
N LEU B 309 16.46 -9.55 12.82
CA LEU B 309 15.59 -9.03 11.78
C LEU B 309 16.02 -7.64 11.32
N PHE B 310 17.29 -7.29 11.54
CA PHE B 310 17.81 -6.00 11.09
C PHE B 310 19.31 -6.13 11.24
N PRO B 311 20.12 -5.32 10.56
CA PRO B 311 21.58 -5.62 10.55
C PRO B 311 22.12 -5.61 11.97
N PRO B 312 22.97 -6.58 12.30
CA PRO B 312 23.45 -6.76 13.68
C PRO B 312 24.17 -5.56 14.26
N ILE B 313 24.76 -4.68 13.43
CA ILE B 313 25.39 -3.49 13.99
C ILE B 313 24.41 -2.69 14.83
N PHE B 314 23.11 -2.74 14.52
CA PHE B 314 22.11 -1.99 15.28
C PHE B 314 21.83 -2.56 16.66
N ALA B 315 22.35 -3.74 16.98
CA ALA B 315 22.22 -4.38 18.28
C ALA B 315 23.52 -4.27 19.09
N ARG B 316 24.55 -3.68 18.51
CA ARG B 316 25.80 -3.48 19.24
C ARG B 316 25.61 -2.39 20.30
N VAL B 317 25.95 -2.71 21.55
CA VAL B 317 25.70 -1.81 22.67
C VAL B 317 26.97 -1.59 23.49
N ASN B 318 27.02 -0.41 24.12
CA ASN B 318 28.04 -0.16 25.13
C ASN B 318 27.62 -0.86 26.43
N LYS B 319 28.42 -0.67 27.48
CA LYS B 319 28.18 -1.39 28.73
C LYS B 319 26.82 -1.03 29.33
N ALA B 320 26.28 0.13 28.99
CA ALA B 320 24.96 0.52 29.48
C ALA B 320 23.82 -0.02 28.63
N GLY B 321 24.10 -0.78 27.57
CA GLY B 321 23.02 -1.17 26.68
C GLY B 321 22.54 -0.13 25.66
N THR B 322 23.25 0.98 25.48
CA THR B 322 22.92 1.97 24.48
C THR B 322 23.40 1.52 23.10
N PRO B 323 22.54 1.53 22.08
CA PRO B 323 22.98 1.16 20.70
C PRO B 323 23.76 2.29 20.02
N VAL B 324 25.03 2.42 20.43
CA VAL B 324 25.80 3.61 20.07
C VAL B 324 26.02 3.66 18.57
N ALA B 325 26.49 2.54 18.00
CA ALA B 325 26.69 2.49 16.56
C ALA B 325 25.39 2.76 15.80
N GLY B 326 24.26 2.23 16.28
CA GLY B 326 22.99 2.45 15.58
C GLY B 326 22.56 3.92 15.63
N LEU B 327 22.83 4.58 16.75
CA LEU B 327 22.57 6.01 16.85
C LEU B 327 23.49 6.81 15.94
N ILE B 328 24.75 6.41 15.84
CA ILE B 328 25.68 7.10 14.94
C ILE B 328 25.24 6.93 13.49
N ILE B 329 24.80 5.73 13.10
CA ILE B 329 24.31 5.45 11.76
C ILE B 329 23.12 6.36 11.45
N VAL B 330 22.18 6.45 12.39
CA VAL B 330 21.05 7.37 12.25
C VAL B 330 21.53 8.82 12.12
N GLY B 331 22.53 9.24 12.91
CA GLY B 331 23.08 10.56 12.76
C GLY B 331 23.60 10.81 11.36
N ILE B 332 24.29 9.80 10.79
CA ILE B 332 24.87 9.95 9.47
C ILE B 332 23.77 10.06 8.42
N LEU B 333 22.77 9.19 8.51
CA LEU B 333 21.65 9.21 7.56
C LEU B 333 20.91 10.56 7.62
N MET B 334 20.64 11.05 8.83
CA MET B 334 19.97 12.34 8.96
C MET B 334 20.81 13.45 8.38
N THR B 335 22.13 13.43 8.60
CA THR B 335 23.01 14.45 8.00
C THR B 335 22.89 14.49 6.50
N ILE B 336 23.00 13.31 5.87
CA ILE B 336 22.93 13.24 4.42
C ILE B 336 21.64 13.87 3.93
N PHE B 337 20.51 13.50 4.55
CA PHE B 337 19.25 14.08 4.08
C PHE B 337 19.04 15.51 4.53
N GLN B 338 19.64 15.93 5.66
CA GLN B 338 19.58 17.32 6.07
C GLN B 338 20.15 18.22 5.01
N LEU B 339 21.04 17.70 4.17
CA LEU B 339 21.52 18.53 3.08
C LEU B 339 20.39 19.14 2.23
N SER B 340 19.16 18.65 2.40
CA SER B 340 18.06 19.14 1.57
C SER B 340 17.66 20.58 1.87
N SER B 341 17.99 21.09 3.07
CA SER B 341 17.61 22.46 3.46
C SER B 341 18.53 23.53 2.88
N ILE B 342 19.47 23.18 1.99
CA ILE B 342 20.45 24.15 1.51
C ILE B 342 19.84 25.14 0.52
N SER B 343 18.71 24.81 -0.09
CA SER B 343 18.06 25.72 -1.03
C SER B 343 16.57 25.44 -1.01
N PRO B 344 15.74 26.40 -1.41
CA PRO B 344 14.31 26.11 -1.54
C PRO B 344 14.03 24.89 -2.41
N ASN B 345 14.75 24.75 -3.52
CA ASN B 345 14.53 23.63 -4.45
C ASN B 345 14.93 22.30 -3.83
N ALA B 346 16.08 22.26 -3.14
CA ALA B 346 16.44 21.04 -2.43
C ALA B 346 15.35 20.64 -1.44
N THR B 347 14.80 21.62 -0.72
CA THR B 347 13.79 21.36 0.32
C THR B 347 12.50 20.80 -0.29
N LYS B 348 12.04 21.42 -1.39
CA LYS B 348 10.84 20.87 -2.03
C LYS B 348 11.10 19.44 -2.53
N GLU B 349 12.29 19.16 -3.06
CA GLU B 349 12.59 17.78 -3.46
C GLU B 349 12.45 16.83 -2.28
N PHE B 350 13.05 17.17 -1.13
CA PHE B 350 12.95 16.29 0.02
C PHE B 350 11.53 16.21 0.59
N GLY B 351 10.67 17.18 0.25
CA GLY B 351 9.31 17.20 0.79
C GLY B 351 8.51 15.93 0.57
N LEU B 352 8.60 15.35 -0.65
CA LEU B 352 7.84 14.13 -0.89
C LEU B 352 8.31 12.99 0.01
N VAL B 353 9.62 12.87 0.20
CA VAL B 353 10.15 11.85 1.10
C VAL B 353 9.60 12.03 2.51
N SER B 354 9.55 13.29 2.98
CA SER B 354 9.04 13.55 4.33
C SER B 354 7.57 13.15 4.46
N SER B 355 6.75 13.54 3.47
CA SER B 355 5.32 13.25 3.55
C SER B 355 5.08 11.75 3.48
N VAL B 356 5.73 11.09 2.52
CA VAL B 356 5.68 9.63 2.43
C VAL B 356 6.00 8.99 3.77
N SER B 357 7.15 9.36 4.39
CA SER B 357 7.57 8.66 5.58
C SER B 357 6.61 8.88 6.76
N VAL B 358 5.82 9.95 6.73
CA VAL B 358 4.81 10.09 7.80
C VAL B 358 3.79 8.96 7.74
N ILE B 359 3.38 8.56 6.52
CA ILE B 359 2.42 7.48 6.35
C ILE B 359 2.93 6.19 6.93
N PHE B 360 4.27 5.97 6.90
CA PHE B 360 4.86 4.70 7.37
C PHE B 360 4.37 4.33 8.73
N THR B 361 4.28 5.31 9.64
CA THR B 361 3.94 5.05 11.03
C THR B 361 2.62 4.33 11.18
N LEU B 362 1.69 4.53 10.27
CA LEU B 362 0.35 3.97 10.44
C LEU B 362 0.35 2.45 10.32
N VAL B 363 1.34 1.87 9.63
CA VAL B 363 1.36 0.40 9.53
C VAL B 363 1.71 -0.18 10.91
N PRO B 364 2.77 0.28 11.63
CA PRO B 364 2.93 -0.11 13.04
C PRO B 364 1.65 0.02 13.87
N TYR B 365 0.93 1.13 13.74
CA TYR B 365 -0.35 1.30 14.48
C TYR B 365 -1.33 0.20 14.13
N LEU B 366 -1.54 -0.01 12.83
CA LEU B 366 -2.50 -1.01 12.38
C LEU B 366 -2.15 -2.39 12.95
N TYR B 367 -0.86 -2.76 12.90
CA TYR B 367 -0.49 -4.08 13.37
C TYR B 367 -0.59 -4.19 14.88
N THR B 368 -0.38 -3.09 15.60
CA THR B 368 -0.53 -3.11 17.05
C THR B 368 -1.99 -3.34 17.43
N CYS B 369 -2.91 -2.68 16.71
CA CYS B 369 -4.34 -2.97 16.86
C CYS B 369 -4.65 -4.44 16.60
N ALA B 370 -4.08 -4.99 15.51
CA ALA B 370 -4.34 -6.39 15.23
C ALA B 370 -3.77 -7.27 16.34
N ALA B 371 -2.54 -6.97 16.76
CA ALA B 371 -1.85 -7.78 17.76
C ALA B 371 -2.62 -7.82 19.06
N LEU B 372 -3.20 -6.70 19.47
CA LEU B 372 -3.95 -6.71 20.73
C LEU B 372 -5.06 -7.75 20.69
N LEU B 373 -5.82 -7.82 19.60
CA LEU B 373 -6.90 -8.80 19.53
C LEU B 373 -6.36 -10.22 19.41
N LEU B 374 -5.40 -10.42 18.50
CA LEU B 374 -4.93 -11.76 18.15
C LEU B 374 -4.13 -12.38 19.29
N LEU B 375 -3.42 -11.56 20.08
CA LEU B 375 -2.61 -12.04 21.19
C LEU B 375 -3.34 -11.98 22.52
N GLY B 376 -4.12 -10.93 22.79
CA GLY B 376 -4.69 -10.71 24.09
C GLY B 376 -6.12 -11.17 24.30
N HIS B 377 -6.77 -11.78 23.28
CA HIS B 377 -8.16 -12.20 23.48
C HIS B 377 -8.37 -12.98 24.78
N GLY B 378 -7.38 -13.79 25.17
CA GLY B 378 -7.52 -14.56 26.39
C GLY B 378 -7.53 -13.73 27.66
N HIS B 379 -7.15 -12.46 27.58
CA HIS B 379 -7.14 -11.58 28.73
C HIS B 379 -8.33 -10.62 28.78
N PHE B 380 -9.29 -10.73 27.85
CA PHE B 380 -10.35 -9.74 27.79
C PHE B 380 -11.45 -10.03 28.82
N GLY B 381 -11.83 -11.29 28.95
CA GLY B 381 -12.90 -11.71 29.83
C GLY B 381 -14.21 -11.05 29.46
N LYS B 382 -14.97 -10.68 30.50
CA LYS B 382 -16.32 -10.19 30.30
C LYS B 382 -16.36 -8.89 29.53
N ALA B 383 -15.23 -8.18 29.43
CA ALA B 383 -15.17 -6.91 28.74
C ALA B 383 -14.70 -7.06 27.29
N ARG B 384 -14.76 -8.28 26.74
CA ARG B 384 -14.49 -8.47 25.30
C ARG B 384 -15.15 -7.42 24.42
N PRO B 385 -16.45 -7.13 24.56
CA PRO B 385 -17.05 -6.12 23.66
C PRO B 385 -16.33 -4.78 23.69
N ALA B 386 -16.00 -4.27 24.89
CA ALA B 386 -15.33 -2.97 24.97
C ALA B 386 -13.98 -2.98 24.24
N TYR B 387 -13.14 -3.97 24.53
CA TYR B 387 -11.93 -4.16 23.72
C TYR B 387 -12.25 -4.13 22.23
N LEU B 388 -13.21 -4.95 21.81
CA LEU B 388 -13.44 -5.04 20.37
C LEU B 388 -13.87 -3.67 19.86
N ALA B 389 -14.65 -2.94 20.65
CA ALA B 389 -15.12 -1.64 20.18
C ALA B 389 -13.96 -0.65 20.13
N VAL B 390 -13.13 -0.63 21.18
CA VAL B 390 -12.11 0.41 21.22
C VAL B 390 -11.11 0.13 20.12
N THR B 391 -10.75 -1.14 19.97
CA THR B 391 -9.80 -1.47 18.92
C THR B 391 -10.39 -1.15 17.57
N THR B 392 -11.70 -1.31 17.41
CA THR B 392 -12.28 -0.99 16.11
C THR B 392 -12.17 0.50 15.85
N ILE B 393 -12.41 1.32 16.89
CA ILE B 393 -12.21 2.75 16.75
C ILE B 393 -10.77 3.03 16.32
N ALA B 394 -9.82 2.35 16.98
CA ALA B 394 -8.41 2.61 16.65
C ALA B 394 -8.11 2.23 15.21
N PHE B 395 -8.71 1.13 14.72
CA PHE B 395 -8.51 0.75 13.32
C PHE B 395 -9.02 1.84 12.39
N LEU B 396 -10.21 2.37 12.72
CA LEU B 396 -10.80 3.41 11.88
C LEU B 396 -9.92 4.64 11.86
N TYR B 397 -9.34 4.96 13.01
CA TYR B 397 -8.50 6.11 13.09
C TYR B 397 -7.37 5.98 12.07
N CYS B 398 -6.74 4.80 12.02
CA CYS B 398 -5.61 4.62 11.13
C CYS B 398 -6.05 4.67 9.68
N ILE B 399 -7.17 4.01 9.38
CA ILE B 399 -7.60 3.92 7.98
C ILE B 399 -8.02 5.30 7.50
N TRP B 400 -8.78 6.01 8.33
N TRP B 400 -8.76 6.03 8.32
CA TRP B 400 -9.22 7.36 7.99
CA TRP B 400 -9.21 7.31 7.83
C TRP B 400 -8.04 8.26 7.71
C TRP B 400 -8.03 8.29 7.69
N ALA B 401 -6.97 8.15 8.50
CA ALA B 401 -5.81 9.01 8.29
C ALA B 401 -5.29 8.83 6.86
N VAL B 402 -5.21 7.58 6.41
CA VAL B 402 -4.75 7.33 5.04
C VAL B 402 -5.79 7.76 4.03
N VAL B 403 -7.07 7.57 4.35
CA VAL B 403 -8.10 7.86 3.35
C VAL B 403 -8.02 9.31 2.95
N GLY B 404 -7.59 10.18 3.88
CA GLY B 404 -7.52 11.59 3.62
C GLY B 404 -6.19 12.14 3.17
N SER B 405 -5.18 11.28 2.96
CA SER B 405 -3.84 11.72 2.60
C SER B 405 -3.74 11.95 1.09
N GLY B 406 -2.63 12.57 0.67
CA GLY B 406 -2.38 12.74 -0.74
C GLY B 406 -2.16 11.39 -1.40
N ALA B 407 -2.73 11.23 -2.61
CA ALA B 407 -2.60 9.94 -3.27
C ALA B 407 -1.15 9.63 -3.59
N LYS B 408 -0.36 10.64 -3.97
CA LYS B 408 1.04 10.38 -4.34
C LYS B 408 1.82 9.83 -3.15
N GLU B 409 1.61 10.43 -1.95
CA GLU B 409 2.28 9.94 -0.75
C GLU B 409 1.89 8.50 -0.40
N VAL B 410 0.60 8.15 -0.51
CA VAL B 410 0.20 6.79 -0.22
C VAL B 410 0.74 5.84 -1.29
N MET B 411 0.75 6.25 -2.54
N MET B 411 0.74 6.25 -2.52
CA MET B 411 1.28 5.37 -3.59
CA MET B 411 1.26 5.38 -3.59
C MET B 411 2.74 5.00 -3.29
C MET B 411 2.73 5.04 -3.30
N TRP B 412 3.57 6.00 -2.96
CA TRP B 412 4.98 5.67 -2.68
C TRP B 412 5.16 4.89 -1.39
N SER B 413 4.22 5.00 -0.45
CA SER B 413 4.22 4.09 0.69
C SER B 413 3.95 2.63 0.28
N PHE B 414 2.98 2.41 -0.62
CA PHE B 414 2.70 1.09 -1.17
C PHE B 414 3.96 0.51 -1.83
N VAL B 415 4.61 1.31 -2.70
CA VAL B 415 5.84 0.88 -3.35
C VAL B 415 6.88 0.49 -2.31
N THR B 416 6.99 1.27 -1.24
CA THR B 416 7.97 0.96 -0.19
C THR B 416 7.68 -0.40 0.42
N LEU B 417 6.41 -0.70 0.73
CA LEU B 417 6.10 -2.04 1.23
C LEU B 417 6.54 -3.14 0.25
N MET B 418 6.33 -2.90 -1.06
CA MET B 418 6.74 -3.92 -2.03
C MET B 418 8.26 -4.13 -1.98
N VAL B 419 9.01 -3.03 -1.95
CA VAL B 419 10.47 -3.11 -1.91
C VAL B 419 10.91 -3.86 -0.67
N ILE B 420 10.28 -3.55 0.47
CA ILE B 420 10.63 -4.21 1.72
C ILE B 420 10.38 -5.72 1.63
N THR B 421 9.30 -6.14 0.95
CA THR B 421 9.03 -7.57 0.79
C THR B 421 10.14 -8.22 -0.04
N ALA B 422 10.54 -7.58 -1.15
CA ALA B 422 11.66 -8.10 -1.94
C ALA B 422 12.95 -8.19 -1.12
N MET B 423 13.25 -7.15 -0.34
CA MET B 423 14.48 -7.12 0.45
C MET B 423 14.48 -8.23 1.47
N TYR B 424 13.35 -8.45 2.15
CA TYR B 424 13.25 -9.56 3.08
C TYR B 424 13.53 -10.88 2.39
N ALA B 425 12.89 -11.13 1.27
CA ALA B 425 13.06 -12.40 0.58
C ALA B 425 14.50 -12.61 0.15
N LEU B 426 15.14 -11.57 -0.41
CA LEU B 426 16.51 -11.73 -0.91
C LEU B 426 17.53 -11.82 0.23
N ASN B 427 17.28 -11.15 1.34
CA ASN B 427 18.27 -11.17 2.40
C ASN B 427 18.06 -12.28 3.43
N TYR B 428 16.84 -12.82 3.58
CA TYR B 428 16.57 -13.75 4.66
C TYR B 428 16.28 -15.18 4.21
N ASN B 429 16.19 -15.45 2.91
CA ASN B 429 16.01 -16.84 2.52
C ASN B 429 17.15 -17.68 3.07
N ARG B 430 16.82 -18.90 3.50
CA ARG B 430 17.74 -19.82 4.16
C ARG B 430 17.92 -19.56 5.65
N LEU B 431 17.41 -18.43 6.13
CA LEU B 431 17.45 -18.10 7.55
C LEU B 431 16.00 -18.15 8.04
N HIS B 432 15.11 -17.59 7.25
CA HIS B 432 13.67 -17.59 7.49
C HIS B 432 13.12 -19.01 7.57
N LYS B 433 12.35 -19.27 8.62
CA LYS B 433 11.70 -20.56 8.80
C LYS B 433 10.24 -20.41 8.42
N ASN B 434 9.73 -21.35 7.67
CA ASN B 434 8.38 -21.24 7.13
C ASN B 434 7.39 -21.94 8.05
N PRO B 435 6.20 -21.36 8.25
CA PRO B 435 5.18 -22.09 9.05
C PRO B 435 4.77 -23.40 8.42
N TYR B 436 4.69 -23.49 7.10
CA TYR B 436 4.30 -24.74 6.43
C TYR B 436 5.34 -25.07 5.38
N PRO B 437 6.49 -25.62 5.77
CA PRO B 437 7.57 -25.83 4.81
C PRO B 437 7.26 -26.95 3.83
N LEU B 438 7.98 -26.88 2.71
CA LEU B 438 8.06 -27.99 1.78
C LEU B 438 8.83 -29.17 2.38
N ASP B 439 8.58 -30.35 1.85
CA ASP B 439 9.34 -31.53 2.23
C ASP B 439 10.82 -31.34 1.88
N ALA B 440 11.66 -32.10 2.58
CA ALA B 440 13.10 -32.06 2.34
C ALA B 440 13.40 -32.45 0.90
N PRO B 441 14.34 -31.76 0.24
CA PRO B 441 14.76 -31.97 -1.15
C PRO B 441 14.80 -33.44 -1.56
C1 BNG C . -14.51 7.98 -4.20
C2 BNG C . -14.65 7.92 -2.67
C3 BNG C . -14.06 9.19 -2.04
C4 BNG C . -12.78 9.55 -2.77
C5 BNG C . -13.11 9.89 -4.23
C6 BNG C . -11.94 9.45 -5.14
C1' BNG C . -13.86 5.83 -4.92
C2' BNG C . -13.26 4.87 -3.91
C3' BNG C . -12.70 3.65 -4.65
C4' BNG C . -12.54 2.49 -3.68
C5' BNG C . -12.05 1.27 -4.45
C6' BNG C . -12.14 0.06 -3.54
C7' BNG C . -12.19 -1.20 -4.38
C8' BNG C . -12.29 -2.41 -3.48
C9' BNG C . -12.87 -3.58 -4.27
O1 BNG C . -13.48 7.13 -4.60
O2 BNG C . -16.01 7.79 -2.35
O3 BNG C . -13.77 9.00 -0.69
O4 BNG C . -12.17 10.65 -2.14
O5 BNG C . -14.29 9.27 -4.68
O6 BNG C . -12.29 9.50 -6.49
H1 BNG C . -15.36 7.66 -4.56
H2 BNG C . -14.15 7.18 -2.31
H3 BNG C . -14.72 9.91 -2.12
H4 BNG C . -12.16 8.81 -2.75
H5 BNG C . -13.24 10.85 -4.30
H61 BNG C . -11.18 10.04 -4.98
H62 BNG C . -11.70 8.54 -4.91
H1'1 BNG C . -13.53 5.61 -5.81
H1'2 BNG C . -14.82 5.77 -4.91
H2'1 BNG C . -12.55 5.31 -3.42
H2'2 BNG C . -13.94 4.59 -3.28
H3'1 BNG C . -13.31 3.40 -5.36
H3'2 BNG C . -11.83 3.87 -5.03
H4'1 BNG C . -13.39 2.30 -3.27
H4'2 BNG C . -11.89 2.73 -2.99
H5'1 BNG C . -12.60 1.13 -5.23
H5'2 BNG C . -11.12 1.40 -4.72
H6'1 BNG C . -11.37 0.02 -2.95
H6'2 BNG C . -12.94 0.11 -2.99
H7'1 BNG C . -12.97 -1.17 -4.97
H7'2 BNG C . -11.39 -1.26 -4.93
H8'1 BNG C . -12.86 -2.21 -2.73
H8'2 BNG C . -11.41 -2.64 -3.15
H9'1 BNG C . -13.37 -3.23 -5.03
H9'2 BNG C . -12.14 -4.13 -4.60
H9'3 BNG C . -13.45 -4.09 -3.70
HO2 BNG C . -16.37 7.21 -2.86
HO3 BNG C . -13.26 8.32 -0.61
HO4 BNG C . -12.30 11.36 -2.61
HO6 BNG C . -11.64 9.23 -6.96
C TRS D . -14.37 -13.24 6.39
C1 TRS D . -15.01 -12.49 5.23
C2 TRS D . -13.52 -14.33 5.82
C3 TRS D . -15.44 -13.74 7.37
N TRS D . -13.35 -12.43 7.04
O1 TRS D . -16.29 -12.01 5.60
O2 TRS D . -13.32 -15.36 6.73
O3 TRS D . -16.69 -13.03 7.18
H11 TRS D . -14.37 -11.65 4.96
H12 TRS D . -15.09 -13.15 4.37
H21 TRS D . -12.55 -13.91 5.52
H22 TRS D . -14.00 -14.72 4.92
H31 TRS D . -15.60 -14.81 7.23
H32 TRS D . -15.08 -13.58 8.40
HN1 TRS D . -13.78 -11.57 7.42
HN2 TRS D . -12.62 -12.18 6.36
HN3 TRS D . -12.93 -12.96 7.82
HO1 TRS D . -16.75 -11.69 4.81
HO2 TRS D . -12.42 -15.73 6.61
HO3 TRS D . -17.13 -13.36 6.40
C1 HEX E . 1.72 -31.30 -26.81
C2 HEX E . 1.89 -29.80 -27.04
C3 HEX E . 2.00 -29.02 -25.74
C4 HEX E . 2.66 -27.66 -25.91
C5 HEX E . 2.33 -26.64 -24.85
C6 HEX E . 2.91 -25.28 -25.19
H11 HEX E . 1.99 -31.78 -27.61
H12 HEX E . 0.80 -31.49 -26.62
H13 HEX E . 2.28 -31.58 -26.06
H21 HEX E . 2.70 -29.66 -27.55
H22 HEX E . 1.13 -29.48 -27.55
H31 HEX E . 1.10 -28.88 -25.39
H32 HEX E . 2.49 -29.53 -25.10
H41 HEX E . 3.62 -27.80 -25.92
H42 HEX E . 2.40 -27.31 -26.77
H51 HEX E . 2.70 -26.94 -23.99
H52 HEX E . 1.36 -26.57 -24.76
H61 HEX E . 3.31 -24.89 -24.40
H62 HEX E . 3.59 -25.38 -25.88
H63 HEX E . 2.20 -24.70 -25.51
C1 D10 F . -17.06 -18.60 -27.65
C2 D10 F . -16.84 -19.89 -28.41
C3 D10 F . -17.35 -21.09 -27.65
C4 D10 F . -17.04 -22.43 -28.29
C5 D10 F . -17.88 -23.51 -27.66
C6 D10 F . -17.73 -24.92 -28.22
C7 D10 F . -17.27 -25.89 -27.12
C8 D10 F . -17.60 -27.36 -27.31
C9 D10 F . -18.01 -28.03 -25.99
C10 D10 F . -17.56 -29.49 -25.86
H11 D10 F . -16.76 -17.85 -28.19
H12 D10 F . -18.00 -18.50 -27.44
H13 D10 F . -16.55 -18.63 -26.82
H21 D10 F . -15.89 -20.00 -28.58
H22 D10 F . -17.31 -19.84 -29.26
H31 D10 F . -16.96 -21.07 -26.76
H32 D10 F . -18.32 -21.00 -27.56
H41 D10 F . -17.22 -22.37 -29.23
H42 D10 F . -16.10 -22.63 -28.14
H51 D10 F . -17.67 -23.55 -26.71
H52 D10 F . -18.81 -23.26 -27.76
H61 D10 F . -18.58 -25.22 -28.57
H62 D10 F . -17.07 -24.91 -28.93
H71 D10 F . -16.31 -25.81 -27.03
H72 D10 F . -17.67 -25.60 -26.28
H81 D10 F . -16.83 -27.82 -27.67
H82 D10 F . -18.34 -27.45 -27.94
H91 D10 F . -17.63 -27.53 -25.26
H92 D10 F . -18.98 -28.01 -25.91
H101 D10 F . -17.72 -29.80 -24.94
H102 D10 F . -16.62 -29.56 -26.07
H103 D10 F . -18.07 -30.05 -26.47
C1 OCT G . -22.26 -16.48 -25.77
C2 OCT G . -21.38 -17.40 -24.93
C3 OCT G . -20.96 -18.65 -25.67
C4 OCT G . -20.70 -19.88 -24.82
C5 OCT G . -21.37 -21.09 -25.42
C6 OCT G . -20.67 -22.38 -25.13
C7 OCT G . -21.60 -23.52 -24.80
C8 OCT G . -21.04 -24.88 -25.11
H11 OCT G . -23.19 -16.75 -25.68
H12 OCT G . -21.99 -16.54 -26.71
H13 OCT G . -22.15 -15.56 -25.47
H21 OCT G . -21.87 -17.65 -24.14
H22 OCT G . -20.59 -16.90 -24.66
H31 OCT G . -20.15 -18.45 -26.16
H32 OCT G . -21.65 -18.86 -26.31
H41 OCT G . -19.75 -20.05 -24.78
H42 OCT G . -21.04 -19.74 -23.93
H51 OCT G . -22.28 -21.14 -25.07
H52 OCT G . -21.40 -20.98 -26.39
H61 OCT G . -20.13 -22.63 -25.89
H62 OCT G . -20.08 -22.24 -24.37
H71 OCT G . -21.81 -23.48 -23.85
H72 OCT G . -22.42 -23.39 -25.30
H81 OCT G . -21.62 -25.33 -25.75
H82 OCT G . -20.98 -25.40 -24.30
H83 OCT G . -20.15 -24.78 -25.50
C1 BNG H . 9.62 12.21 -7.64
C2 BNG H . 10.19 12.70 -8.98
C3 BNG H . 9.42 12.15 -10.19
C4 BNG H . 8.34 11.19 -9.75
C5 BNG H . 7.51 11.94 -8.70
C6 BNG H . 6.39 11.00 -8.22
C1' BNG H . 9.14 10.34 -6.35
C2' BNG H . 10.03 9.61 -5.35
C3' BNG H . 9.40 9.61 -3.94
C4' BNG H . 10.17 8.58 -3.12
C5' BNG H . 9.60 8.31 -1.73
C6' BNG H . 10.75 7.68 -0.92
C7' BNG H . 10.35 6.69 0.16
C8' BNG H . 11.12 7.00 1.45
C9' BNG H . 11.97 5.82 1.91
O1 BNG H . 9.91 10.86 -7.41
O2 BNG H . 10.15 14.11 -8.96
O3 BNG H . 10.34 11.53 -11.06
O4 BNG H . 7.56 10.83 -10.87
O5 BNG H . 8.22 12.40 -7.57
O6 BNG H . 5.64 11.58 -7.17
H1 BNG H . 10.05 12.74 -6.95
H2 BNG H . 11.10 12.39 -9.07
H3 BNG H . 8.99 12.89 -10.65
H4 BNG H . 8.68 10.36 -9.37
H5 BNG H . 7.18 12.74 -9.13
H61 BNG H . 5.79 10.82 -8.97
H62 BNG H . 6.78 10.18 -7.92
H1'1 BNG H . 8.48 9.73 -6.71
H1'2 BNG H . 8.70 11.07 -5.91
H2'1 BNG H . 10.15 8.69 -5.65
H2'2 BNG H . 10.90 10.05 -5.31
H3'1 BNG H . 9.48 10.49 -3.55
H3'2 BNG H . 8.47 9.37 -4.00
H4'1 BNG H . 11.08 8.89 -3.03
H4'2 BNG H . 10.16 7.74 -3.62
H5'1 BNG H . 9.32 9.14 -1.32
H5'2 BNG H . 8.86 7.69 -1.78
H6'1 BNG H . 11.34 7.23 -1.54
H6'2 BNG H . 11.24 8.40 -0.50
H7'1 BNG H . 9.39 6.75 0.32
H7'2 BNG H . 10.55 5.78 -0.13
H8'1 BNG H . 10.47 7.22 2.15
H8'2 BNG H . 11.69 7.76 1.30
H9'1 BNG H . 11.48 4.99 1.79
H9'2 BNG H . 12.79 5.79 1.40
H9'3 BNG H . 12.18 5.93 2.87
HO2 BNG H . 9.45 14.38 -9.36
HO3 BNG H . 10.55 12.07 -11.67
HO4 BNG H . 7.65 11.44 -11.46
HO6 BNG H . 5.77 11.12 -6.46
C1 BNG I . -23.62 25.71 14.65
C2 BNG I . -25.08 25.49 14.35
C3 BNG I . -25.17 25.62 12.86
C4 BNG I . -24.82 27.06 12.59
C5 BNG I . -23.46 27.36 13.15
C6 BNG I . -23.23 28.82 12.94
C1' BNG I . -22.50 26.01 16.70
C2' BNG I . -21.91 25.02 17.67
C3' BNG I . -21.31 25.78 18.85
C4' BNG I . -20.14 25.01 19.42
C5' BNG I . -20.44 23.53 19.30
C6' BNG I . -19.57 22.71 20.23
C7' BNG I . -19.36 21.35 19.62
C8' BNG I . -19.07 20.35 20.71
C9' BNG I . -18.35 21.05 21.86
O1 BNG I . -23.42 25.32 15.96
O2 BNG I . -25.55 24.26 14.81
O3 BNG I . -26.43 25.40 12.33
O4 BNG I . -24.79 27.25 11.22
O5 BNG I . -23.39 27.05 14.47
O6 BNG I . -23.99 29.53 13.86
H1 BNG I . -23.07 25.19 14.05
H2 BNG I . -25.60 26.20 14.76
H3 BNG I . -24.51 25.04 12.43
H4 BNG I . -25.48 27.65 13.01
H5 BNG I . -22.80 26.85 12.65
H61 BNG I . -22.29 29.03 13.07
H62 BNG I . -23.50 29.07 12.05
H1'1 BNG I . -22.95 26.72 17.19
H1'2 BNG I . -21.81 26.38 16.13
H2'1 BNG I . -22.58 24.40 17.99
H2'2 BNG I . -21.21 24.53 17.21
H3'1 BNG I . -21.02 26.65 18.55
H3'2 BNG I . -21.99 25.88 19.53
H4'1 BNG I . -20.01 25.24 20.35
H4'2 BNG I . -19.33 25.22 18.92
H5'1 BNG I . -21.37 23.39 19.52
H5'2 BNG I . -20.29 23.25 18.38
H6'1 BNG I . -18.71 23.16 20.34
H6'2 BNG I . -20.01 22.65 21.09
H7'1 BNG I . -20.17 21.07 19.15
H7'2 BNG I . -18.62 21.37 19.00
H8'1 BNG I . -18.51 19.65 20.36
H8'2 BNG I . -19.89 19.97 21.03
H9'1 BNG I . -17.64 21.59 21.50
H9'2 BNG I . -18.98 21.61 22.34
H9'3 BNG I . -17.99 20.38 22.46
HO2 BNG I . -25.14 23.63 14.41
HO3 BNG I . -26.45 24.66 11.92
HO4 BNG I . -24.92 28.07 11.06
HO6 BNG I . -24.38 28.99 14.39
C TRS J . 18.68 -5.77 5.44
C1 TRS J . 18.61 -4.28 5.71
C2 TRS J . 19.10 -6.63 6.61
C3 TRS J . 19.65 -6.04 4.27
N TRS J . 17.35 -6.25 5.10
O1 TRS J . 19.67 -3.54 5.07
O2 TRS J . 18.08 -6.90 7.54
O3 TRS J . 20.86 -5.26 4.35
H11 TRS J . 18.66 -4.11 6.78
H12 TRS J . 17.66 -3.90 5.35
H21 TRS J . 19.91 -6.13 7.13
H22 TRS J . 19.48 -7.58 6.23
H31 TRS J . 19.91 -7.09 4.26
H32 TRS J . 19.15 -5.81 3.34
HN1 TRS J . 17.25 -6.31 4.08
HN2 TRS J . 16.64 -5.60 5.49
HN3 TRS J . 17.21 -7.19 5.52
HO1 TRS J . 19.49 -2.59 5.16
HO2 TRS J . 17.70 -6.07 7.85
HO3 TRS J . 21.58 -5.73 3.91
C1 HEX K . 22.37 0.51 6.75
C2 HEX K . 23.69 0.38 7.46
C3 HEX K . 24.28 -1.03 7.40
C4 HEX K . 25.74 -1.12 7.84
C5 HEX K . 26.29 -2.53 7.64
C6 HEX K . 27.72 -2.74 8.14
H11 HEX K . 22.46 1.10 5.99
H12 HEX K . 21.71 0.89 7.36
H13 HEX K . 22.07 -0.36 6.45
H21 HEX K . 24.32 0.99 7.06
H22 HEX K . 23.57 0.62 8.39
H31 HEX K . 23.74 -1.61 7.96
H32 HEX K . 24.21 -1.34 6.48
H41 HEX K . 26.27 -0.50 7.33
H42 HEX K . 25.80 -0.90 8.79
H51 HEX K . 26.27 -2.72 6.68
H52 HEX K . 25.70 -3.16 8.09
H61 HEX K . 27.70 -3.27 8.95
H62 HEX K . 28.24 -3.20 7.46
H63 HEX K . 28.12 -1.88 8.32
C1 HEX L . 29.61 3.74 11.68
C2 HEX L . 29.41 3.09 13.03
C3 HEX L . 30.50 3.50 14.00
C4 HEX L . 30.16 3.11 15.44
C5 HEX L . 31.28 3.29 16.44
C6 HEX L . 31.14 2.43 17.67
H11 HEX L . 30.11 4.56 11.80
H12 HEX L . 28.75 3.94 11.29
H13 HEX L . 30.11 3.13 11.11
H21 HEX L . 28.55 3.35 13.39
H22 HEX L . 29.43 2.12 12.93
H31 HEX L . 31.33 3.06 13.76
H32 HEX L . 30.61 4.46 13.96
H41 HEX L . 29.40 3.64 15.73
H42 HEX L . 29.89 2.18 15.45
H51 HEX L . 31.30 4.22 16.72
H52 HEX L . 32.12 3.08 16.00
H61 HEX L . 30.70 1.60 17.42
H62 HEX L . 32.02 2.23 18.03
H63 HEX L . 30.61 2.89 18.32
C1 HEX M . 20.92 20.86 24.73
C2 HEX M . 21.05 20.65 26.23
C3 HEX M . 22.39 20.09 26.70
C4 HEX M . 22.33 19.57 28.15
C5 HEX M . 23.66 19.07 28.70
C6 HEX M . 23.54 18.62 30.16
H11 HEX M . 21.41 21.67 24.48
H12 HEX M . 19.99 20.96 24.50
H13 HEX M . 21.30 20.09 24.27
H21 HEX M . 20.91 21.50 26.67
H22 HEX M . 20.34 20.05 26.51
H31 HEX M . 22.64 19.35 26.12
H32 HEX M . 23.06 20.78 26.65
H41 HEX M . 22.02 20.29 28.71
H42 HEX M . 21.69 18.85 28.19
H51 HEX M . 24.31 19.78 28.65
H52 HEX M . 23.96 18.32 28.17
H61 HEX M . 23.00 17.81 30.21
H62 HEX M . 24.43 18.43 30.51
H63 HEX M . 23.12 19.32 30.68
C1 HEX N . -23.79 18.75 12.44
C2 HEX N . -22.64 18.45 13.39
C3 HEX N . -22.15 17.02 13.28
C4 HEX N . -21.02 16.72 14.25
C5 HEX N . -20.43 15.35 14.03
C6 HEX N . -19.39 15.00 15.08
H11 HEX N . -23.60 19.57 11.96
H12 HEX N . -24.60 18.85 12.95
H13 HEX N . -23.87 18.02 11.81
H21 HEX N . -21.90 19.05 13.19
H22 HEX N . -22.94 18.62 14.30
H31 HEX N . -22.89 16.42 13.47
H32 HEX N . -21.84 16.87 12.38
H41 HEX N . -20.33 17.39 14.15
H42 HEX N . -21.38 16.77 15.16
H51 HEX N . -20.01 15.33 13.16
H52 HEX N . -21.14 14.69 14.05
H61 HEX N . -19.63 14.16 15.51
H62 HEX N . -18.53 14.91 14.65
H63 HEX N . -19.35 15.71 15.75
C1 HEX O . 18.87 -9.22 25.08
C2 HEX O . 18.31 -10.07 26.21
C3 HEX O . 19.21 -10.06 27.44
C4 HEX O . 18.92 -11.20 28.41
C5 HEX O . 19.76 -11.14 29.68
C6 HEX O . 19.28 -12.05 30.78
H11 HEX O . 19.63 -8.71 25.40
H12 HEX O . 18.19 -8.62 24.74
H13 HEX O . 19.17 -9.80 24.35
H21 HEX O . 17.43 -9.71 26.46
H22 HEX O . 18.20 -10.98 25.90
H31 HEX O . 20.13 -10.12 27.16
H32 HEX O . 19.08 -9.22 27.91
H41 HEX O . 17.98 -11.18 28.65
H42 HEX O . 19.10 -12.05 27.96
H51 HEX O . 19.76 -10.22 30.01
H52 HEX O . 20.68 -11.38 29.45
H61 HEX O . 19.04 -12.92 30.41
H62 HEX O . 19.97 -12.17 31.45
H63 HEX O . 18.49 -11.66 31.21
C1 D10 P . 16.47 22.93 26.83
C2 D10 P . 16.70 21.68 27.62
C3 D10 P . 17.84 21.85 28.60
C4 D10 P . 17.72 20.93 29.79
C5 D10 P . 19.04 20.66 30.50
C6 D10 P . 18.90 19.53 31.52
C7 D10 P . 20.20 18.86 31.92
C8 D10 P . 20.01 17.80 33.00
C9 D10 P . 21.26 17.00 33.32
C10 D10 P . 20.94 15.59 33.80
H11 D10 P . 16.14 22.71 25.96
H12 D10 P . 15.82 23.49 27.29
H13 D10 P . 17.30 23.42 26.75
H21 D10 P . 16.91 20.95 27.02
H22 D10 P . 15.89 21.46 28.12
H31 D10 P . 18.67 21.66 28.14
H32 D10 P . 17.84 22.77 28.91
H41 D10 P . 17.10 21.33 30.42
H42 D10 P . 17.35 20.08 29.49
H51 D10 P . 19.71 20.42 29.84
H52 D10 P . 19.31 21.47 30.96
H61 D10 P . 18.48 19.88 32.31
H62 D10 P . 18.32 18.85 31.14
H71 D10 P . 20.60 18.44 31.14
H72 D10 P . 20.82 19.53 32.25
H81 D10 P . 19.32 17.19 32.72
H82 D10 P . 19.71 18.25 33.81
H91 D10 P . 21.81 16.95 32.53
H92 D10 P . 21.76 17.46 34.02
H101 D10 P . 21.44 15.40 34.60
H102 D10 P . 21.19 14.95 33.11
H103 D10 P . 19.99 15.52 33.98
#